data_4ROL
#
_entry.id   4ROL
#
_cell.length_a   61.645
_cell.length_b   76.570
_cell.length_c   53.198
_cell.angle_alpha   90.00
_cell.angle_beta   98.02
_cell.angle_gamma   90.00
#
_symmetry.space_group_name_H-M   'P 1 21 1'
#
loop_
_entity.id
_entity.type
_entity.pdbx_description
1 polymer 'Hemoglobin subunit alpha'
2 polymer 'Hemoglobin subunit beta'
3 non-polymer 'PROTOPORPHYRIN IX CONTAINING FE'
4 non-polymer '4-{2,3-dichloro-4-[3-(1H-imidazol-2-yl)propanoyl]phenoxy}butanoic acid'
5 non-polymer 'SULFATE ION'
6 water water
#
loop_
_entity_poly.entity_id
_entity_poly.type
_entity_poly.pdbx_seq_one_letter_code
_entity_poly.pdbx_strand_id
1 'polypeptide(L)'
;VLSPADKTNVKAAWGKVGAHAGEYGAEALERMFLSFPTTKTYFPHFDLSHGSAQVKGHGKKVADALTNAVAHVDDMPNAL
SALSDLHAHKLRVDPVNFKLLSHCLLVTLAAHLPAEFTPAVHASLDKFLASVSTVLTSKYR
;
A,C
2 'polypeptide(L)'
;VHLTPEEKSAVTALWGKVNVDEVGGEALGRLLVVYPWTQRFFESFGDLSTPDAVMGNPKVKAHGKKVLGAFSDGLAHLDN
LKGTFATLSELHCDKLHVDPENFRLLGNVLVCVLAHHFGKEFTPPVQAAYQKVVAGVANALAHKYH
;
B,D
#
loop_
_chem_comp.id
_chem_comp.type
_chem_comp.name
_chem_comp.formula
3U7 non-polymer '4-{2,3-dichloro-4-[3-(1H-imidazol-2-yl)propanoyl]phenoxy}butanoic acid' 'C16 H16 Cl2 N2 O4'
HEM non-polymer 'PROTOPORPHYRIN IX CONTAINING FE' 'C34 H32 Fe N4 O4'
SO4 non-polymer 'SULFATE ION' 'O4 S -2'
#
# COMPACT_ATOMS: atom_id res chain seq x y z
N VAL A 1 3.16 7.70 -16.45
CA VAL A 1 3.68 7.78 -17.80
C VAL A 1 2.74 7.28 -18.89
N LEU A 2 1.74 8.08 -19.22
CA LEU A 2 0.79 7.70 -20.26
C LEU A 2 1.44 7.85 -21.63
N SER A 3 1.63 6.72 -22.29
CA SER A 3 2.23 6.69 -23.62
C SER A 3 1.16 6.99 -24.63
N PRO A 4 1.54 7.18 -25.91
CA PRO A 4 0.52 7.45 -26.91
C PRO A 4 -0.48 6.29 -26.95
N ALA A 5 0.00 5.08 -26.71
CA ALA A 5 -0.85 3.90 -26.70
C ALA A 5 -1.88 3.98 -25.58
N ASP A 6 -1.42 4.36 -24.39
CA ASP A 6 -2.34 4.48 -23.25
C ASP A 6 -3.41 5.51 -23.50
N LYS A 7 -3.02 6.65 -24.05
CA LYS A 7 -3.97 7.72 -24.34
C LYS A 7 -5.02 7.26 -25.33
N THR A 8 -4.58 6.62 -26.40
CA THR A 8 -5.52 6.12 -27.40
C THR A 8 -6.46 5.08 -26.78
N ASN A 9 -5.91 4.18 -25.98
CA ASN A 9 -6.73 3.15 -25.33
C ASN A 9 -7.76 3.74 -24.37
N VAL A 10 -7.32 4.69 -23.55
CA VAL A 10 -8.23 5.31 -22.58
C VAL A 10 -9.33 6.13 -23.28
N LYS A 11 -8.96 6.93 -24.27
CA LYS A 11 -9.96 7.73 -24.98
C LYS A 11 -11.00 6.83 -25.64
N ALA A 12 -10.53 5.76 -26.27
CA ALA A 12 -11.44 4.84 -26.96
C ALA A 12 -12.36 4.08 -26.02
N ALA A 13 -11.84 3.72 -24.84
CA ALA A 13 -12.63 2.98 -23.87
C ALA A 13 -13.59 3.83 -23.07
N TRP A 14 -13.22 5.07 -22.82
CA TRP A 14 -14.03 5.98 -22.01
C TRP A 14 -15.27 6.56 -22.69
N GLY A 15 -15.31 6.48 -24.01
CA GLY A 15 -16.44 7.03 -24.74
C GLY A 15 -17.81 6.77 -24.13
N LYS A 16 -18.13 5.51 -23.90
CA LYS A 16 -19.42 5.14 -23.35
C LYS A 16 -19.55 5.39 -21.85
N VAL A 17 -18.43 5.55 -21.18
CA VAL A 17 -18.42 5.81 -19.74
C VAL A 17 -18.84 7.26 -19.51
N GLY A 18 -18.21 8.17 -20.24
CA GLY A 18 -18.53 9.58 -20.10
C GLY A 18 -19.96 9.90 -20.48
N ALA A 19 -20.57 9.02 -21.25
CA ALA A 19 -21.95 9.21 -21.69
C ALA A 19 -22.93 8.86 -20.58
N HIS A 20 -22.47 8.09 -19.61
CA HIS A 20 -23.30 7.67 -18.49
C HIS A 20 -22.48 7.77 -17.20
N ALA A 21 -21.88 8.93 -17.01
CA ALA A 21 -21.04 9.22 -15.85
C ALA A 21 -21.69 8.85 -14.52
N GLY A 22 -22.88 9.38 -14.28
CA GLY A 22 -23.57 9.11 -13.03
C GLY A 22 -23.74 7.64 -12.70
N GLU A 23 -24.19 6.87 -13.68
CA GLU A 23 -24.40 5.44 -13.50
C GLU A 23 -23.11 4.72 -13.12
N TYR A 24 -22.07 4.91 -13.95
CA TYR A 24 -20.77 4.27 -13.72
C TYR A 24 -20.12 4.75 -12.43
N GLY A 25 -20.13 6.05 -12.20
CA GLY A 25 -19.53 6.60 -11.00
C GLY A 25 -20.19 6.12 -9.73
N ALA A 26 -21.52 6.14 -9.70
CA ALA A 26 -22.25 5.70 -8.52
C ALA A 26 -22.00 4.22 -8.27
N GLU A 27 -21.98 3.41 -9.32
CA GLU A 27 -21.74 1.99 -9.14
C GLU A 27 -20.33 1.76 -8.60
N ALA A 28 -19.34 2.47 -9.16
CA ALA A 28 -17.97 2.31 -8.69
C ALA A 28 -17.89 2.63 -7.20
N LEU A 29 -18.60 3.66 -6.78
CA LEU A 29 -18.61 4.04 -5.37
C LEU A 29 -19.24 2.95 -4.51
N GLU A 30 -20.37 2.42 -4.94
CA GLU A 30 -21.01 1.37 -4.15
C GLU A 30 -20.09 0.17 -4.07
N ARG A 31 -19.42 -0.15 -5.18
CA ARG A 31 -18.51 -1.29 -5.17
C ARG A 31 -17.42 -1.03 -4.13
N MET A 32 -16.93 0.21 -4.08
CA MET A 32 -15.88 0.56 -3.13
C MET A 32 -16.37 0.50 -1.68
N PHE A 33 -17.55 1.04 -1.42
CA PHE A 33 -18.07 1.03 -0.05
C PHE A 33 -18.33 -0.38 0.48
N LEU A 34 -18.75 -1.28 -0.41
CA LEU A 34 -19.03 -2.64 0.00
C LEU A 34 -17.79 -3.53 0.06
N SER A 35 -16.90 -3.37 -0.92
CA SER A 35 -15.68 -4.18 -0.96
C SER A 35 -14.62 -3.70 0.03
N PHE A 36 -14.55 -2.39 0.22
CA PHE A 36 -13.58 -1.78 1.13
C PHE A 36 -14.31 -0.86 2.09
N PRO A 37 -15.02 -1.45 3.07
CA PRO A 37 -15.78 -0.68 4.07
C PRO A 37 -15.08 0.50 4.73
N THR A 38 -13.76 0.43 4.88
CA THR A 38 -13.03 1.52 5.51
C THR A 38 -13.20 2.82 4.73
N THR A 39 -13.48 2.73 3.44
CA THR A 39 -13.64 3.95 2.64
C THR A 39 -14.89 4.72 3.06
N LYS A 40 -15.83 4.05 3.73
CA LYS A 40 -17.04 4.73 4.16
C LYS A 40 -16.75 5.76 5.25
N THR A 41 -15.56 5.69 5.85
CA THR A 41 -15.20 6.63 6.91
C THR A 41 -15.07 8.06 6.39
N TYR A 42 -14.99 8.22 5.08
CA TYR A 42 -14.88 9.54 4.48
C TYR A 42 -16.23 10.13 4.10
N PHE A 43 -17.28 9.34 4.24
CA PHE A 43 -18.61 9.81 3.89
C PHE A 43 -19.66 9.65 5.01
N PRO A 44 -19.30 9.99 6.25
CA PRO A 44 -20.27 9.86 7.34
C PRO A 44 -21.41 10.85 7.19
N HIS A 45 -21.17 11.88 6.36
CA HIS A 45 -22.15 12.93 6.11
C HIS A 45 -23.05 12.64 4.91
N PHE A 46 -22.99 11.40 4.42
CA PHE A 46 -23.81 10.97 3.30
C PHE A 46 -24.71 9.83 3.74
N ASP A 47 -25.90 9.75 3.14
CA ASP A 47 -26.76 8.61 3.40
C ASP A 47 -26.17 7.69 2.33
N LEU A 48 -25.47 6.64 2.75
CA LEU A 48 -24.83 5.74 1.80
C LEU A 48 -25.73 4.61 1.31
N SER A 49 -27.02 4.71 1.61
CA SER A 49 -27.97 3.69 1.19
C SER A 49 -27.94 3.55 -0.33
N HIS A 50 -28.12 2.31 -0.79
CA HIS A 50 -28.13 2.01 -2.21
C HIS A 50 -29.05 2.98 -2.97
N GLY A 51 -28.51 3.62 -4.01
CA GLY A 51 -29.30 4.51 -4.82
C GLY A 51 -29.57 5.91 -4.28
N SER A 52 -28.94 6.30 -3.18
CA SER A 52 -29.16 7.61 -2.60
C SER A 52 -28.74 8.72 -3.56
N ALA A 53 -29.38 9.88 -3.42
CA ALA A 53 -29.06 11.02 -4.27
C ALA A 53 -27.63 11.48 -4.04
N GLN A 54 -27.17 11.44 -2.79
CA GLN A 54 -25.81 11.85 -2.49
C GLN A 54 -24.76 10.99 -3.18
N VAL A 55 -24.96 9.67 -3.18
CA VAL A 55 -24.01 8.78 -3.82
C VAL A 55 -24.06 8.95 -5.34
N LYS A 56 -25.28 9.07 -5.87
CA LYS A 56 -25.44 9.26 -7.30
C LYS A 56 -24.78 10.56 -7.76
N GLY A 57 -25.02 11.64 -7.01
CA GLY A 57 -24.44 12.93 -7.36
C GLY A 57 -22.92 12.94 -7.30
N HIS A 58 -22.36 12.35 -6.24
CA HIS A 58 -20.92 12.30 -6.09
C HIS A 58 -20.33 11.39 -7.17
N GLY A 59 -21.02 10.29 -7.46
CA GLY A 59 -20.53 9.37 -8.48
C GLY A 59 -20.42 10.10 -9.82
N LYS A 60 -21.40 10.95 -10.10
CA LYS A 60 -21.39 11.70 -11.34
C LYS A 60 -20.24 12.69 -11.37
N LYS A 61 -20.02 13.40 -10.27
CA LYS A 61 -18.94 14.37 -10.22
C LYS A 61 -17.58 13.70 -10.39
N VAL A 62 -17.41 12.53 -9.78
CA VAL A 62 -16.15 11.80 -9.91
C VAL A 62 -15.96 11.40 -11.36
N ALA A 63 -16.99 10.80 -11.95
CA ALA A 63 -16.93 10.34 -13.33
C ALA A 63 -16.74 11.51 -14.30
N ASP A 64 -17.41 12.63 -14.04
CA ASP A 64 -17.27 13.79 -14.92
C ASP A 64 -15.85 14.36 -14.88
N ALA A 65 -15.23 14.35 -13.70
CA ALA A 65 -13.88 14.86 -13.57
C ALA A 65 -12.93 13.95 -14.35
N LEU A 66 -13.20 12.66 -14.32
CA LEU A 66 -12.36 11.70 -15.05
C LEU A 66 -12.54 11.87 -16.56
N THR A 67 -13.76 12.12 -16.99
CA THR A 67 -14.03 12.32 -18.41
C THR A 67 -13.27 13.54 -18.92
N ASN A 68 -13.19 14.57 -18.09
CA ASN A 68 -12.47 15.77 -18.45
C ASN A 68 -10.97 15.47 -18.54
N ALA A 69 -10.49 14.63 -17.63
CA ALA A 69 -9.09 14.25 -17.61
C ALA A 69 -8.75 13.46 -18.87
N VAL A 70 -9.68 12.60 -19.31
CA VAL A 70 -9.44 11.82 -20.52
C VAL A 70 -9.38 12.77 -21.72
N ALA A 71 -10.28 13.74 -21.73
CA ALA A 71 -10.35 14.73 -22.80
C ALA A 71 -9.08 15.57 -22.85
N HIS A 72 -8.49 15.77 -21.68
CA HIS A 72 -7.27 16.56 -21.57
C HIS A 72 -6.14 15.75 -20.94
N VAL A 73 -6.03 14.51 -21.39
CA VAL A 73 -5.03 13.58 -20.90
C VAL A 73 -3.60 14.06 -21.17
N ASP A 74 -3.46 15.03 -22.08
CA ASP A 74 -2.15 15.59 -22.41
C ASP A 74 -1.72 16.66 -21.42
N ASP A 75 -2.60 17.01 -20.50
CA ASP A 75 -2.26 18.01 -19.48
C ASP A 75 -3.10 17.79 -18.23
N MET A 76 -2.93 16.61 -17.64
CA MET A 76 -3.66 16.26 -16.45
C MET A 76 -3.28 17.12 -15.24
N PRO A 77 -1.99 17.49 -15.13
CA PRO A 77 -1.63 18.32 -13.97
C PRO A 77 -2.50 19.57 -13.86
N ASN A 78 -2.82 20.20 -14.99
CA ASN A 78 -3.67 21.40 -14.95
C ASN A 78 -5.15 21.06 -14.89
N ALA A 79 -5.58 20.06 -15.64
CA ALA A 79 -6.97 19.66 -15.64
C ALA A 79 -7.46 19.33 -14.23
N LEU A 80 -6.59 18.71 -13.44
CA LEU A 80 -6.94 18.30 -12.09
C LEU A 80 -6.38 19.20 -10.99
N SER A 81 -5.75 20.30 -11.36
CA SER A 81 -5.14 21.18 -10.37
C SER A 81 -6.07 21.64 -9.24
N ALA A 82 -7.26 22.13 -9.59
CA ALA A 82 -8.20 22.59 -8.58
C ALA A 82 -8.65 21.46 -7.68
N LEU A 83 -8.91 20.30 -8.28
CA LEU A 83 -9.36 19.13 -7.54
C LEU A 83 -8.23 18.63 -6.64
N SER A 84 -7.00 18.82 -7.10
CA SER A 84 -5.83 18.40 -6.33
C SER A 84 -5.77 19.24 -5.05
N ASP A 85 -5.96 20.55 -5.20
CA ASP A 85 -5.94 21.44 -4.06
C ASP A 85 -7.00 21.03 -3.04
N LEU A 86 -8.19 20.71 -3.54
CA LEU A 86 -9.30 20.32 -2.67
C LEU A 86 -9.01 19.07 -1.85
N HIS A 87 -8.52 18.02 -2.49
CA HIS A 87 -8.24 16.81 -1.74
C HIS A 87 -7.03 16.98 -0.81
N ALA A 88 -6.05 17.78 -1.22
CA ALA A 88 -4.86 17.97 -0.40
C ALA A 88 -5.08 18.81 0.86
N HIS A 89 -5.79 19.91 0.73
CA HIS A 89 -5.97 20.81 1.87
C HIS A 89 -7.28 20.73 2.64
N LYS A 90 -8.30 20.13 2.06
CA LYS A 90 -9.57 20.04 2.76
C LYS A 90 -10.06 18.61 2.98
N LEU A 91 -10.32 17.89 1.90
CA LEU A 91 -10.81 16.51 2.03
C LEU A 91 -9.80 15.64 2.78
N ARG A 92 -8.53 15.80 2.46
CA ARG A 92 -7.44 15.06 3.11
C ARG A 92 -7.66 13.55 3.22
N VAL A 93 -8.08 12.97 2.11
CA VAL A 93 -8.31 11.52 2.01
C VAL A 93 -6.96 10.82 1.93
N ASP A 94 -6.74 9.81 2.77
CA ASP A 94 -5.45 9.12 2.73
C ASP A 94 -5.19 8.56 1.34
N PRO A 95 -3.96 8.73 0.83
CA PRO A 95 -3.59 8.24 -0.49
C PRO A 95 -3.94 6.78 -0.81
N VAL A 96 -3.93 5.88 0.18
CA VAL A 96 -4.22 4.48 -0.11
C VAL A 96 -5.61 4.28 -0.72
N ASN A 97 -6.54 5.15 -0.37
CA ASN A 97 -7.92 5.00 -0.87
C ASN A 97 -8.09 5.23 -2.36
N PHE A 98 -7.16 5.96 -2.96
CA PHE A 98 -7.27 6.22 -4.39
C PHE A 98 -7.09 4.92 -5.18
N LYS A 99 -6.26 4.02 -4.66
CA LYS A 99 -6.05 2.73 -5.32
C LYS A 99 -7.31 1.89 -5.22
N LEU A 100 -8.03 2.02 -4.12
CA LEU A 100 -9.24 1.24 -3.92
C LEU A 100 -10.35 1.68 -4.89
N LEU A 101 -10.53 3.00 -5.03
CA LEU A 101 -11.53 3.52 -5.94
C LEU A 101 -11.15 3.18 -7.39
N SER A 102 -9.85 3.32 -7.71
CA SER A 102 -9.39 3.02 -9.06
C SER A 102 -9.71 1.57 -9.43
N HIS A 103 -9.44 0.66 -8.50
CA HIS A 103 -9.73 -0.76 -8.72
C HIS A 103 -11.22 -0.93 -8.97
N CYS A 104 -12.05 -0.29 -8.14
CA CYS A 104 -13.49 -0.42 -8.32
C CYS A 104 -13.98 0.18 -9.63
N LEU A 105 -13.28 1.19 -10.13
CA LEU A 105 -13.66 1.78 -11.41
C LEU A 105 -13.35 0.76 -12.50
N LEU A 106 -12.20 0.08 -12.39
CA LEU A 106 -11.84 -0.92 -13.38
C LEU A 106 -12.87 -2.05 -13.38
N VAL A 107 -13.27 -2.50 -12.20
CA VAL A 107 -14.25 -3.57 -12.09
C VAL A 107 -15.56 -3.15 -12.76
N THR A 108 -15.95 -1.90 -12.53
CA THR A 108 -17.18 -1.36 -13.11
C THR A 108 -17.07 -1.36 -14.63
N LEU A 109 -15.93 -0.92 -15.15
CA LEU A 109 -15.74 -0.91 -16.60
C LEU A 109 -15.72 -2.33 -17.16
N ALA A 110 -15.11 -3.25 -16.42
CA ALA A 110 -15.04 -4.63 -16.87
C ALA A 110 -16.45 -5.23 -16.96
N ALA A 111 -17.27 -4.93 -15.97
CA ALA A 111 -18.63 -5.44 -15.91
C ALA A 111 -19.58 -4.83 -16.94
N HIS A 112 -19.27 -3.62 -17.40
CA HIS A 112 -20.12 -2.93 -18.35
C HIS A 112 -19.66 -2.88 -19.79
N LEU A 113 -18.35 -2.85 -20.00
CA LEU A 113 -17.79 -2.75 -21.34
C LEU A 113 -16.79 -3.88 -21.61
N PRO A 114 -17.28 -5.12 -21.67
CA PRO A 114 -16.36 -6.24 -21.92
C PRO A 114 -15.62 -6.19 -23.26
N ALA A 115 -16.27 -5.68 -24.30
CA ALA A 115 -15.61 -5.60 -25.60
C ALA A 115 -14.40 -4.68 -25.52
N GLU A 116 -14.56 -3.57 -24.83
CA GLU A 116 -13.50 -2.58 -24.69
C GLU A 116 -12.39 -2.96 -23.72
N PHE A 117 -12.77 -3.66 -22.66
CA PHE A 117 -11.83 -4.05 -21.61
C PHE A 117 -10.88 -5.20 -21.95
N THR A 118 -10.06 -5.00 -22.98
CA THR A 118 -9.08 -6.02 -23.36
C THR A 118 -7.90 -5.91 -22.41
N PRO A 119 -6.97 -6.89 -22.45
CA PRO A 119 -5.82 -6.80 -21.53
C PRO A 119 -5.03 -5.50 -21.70
N ALA A 120 -4.76 -5.12 -22.94
CA ALA A 120 -4.01 -3.90 -23.20
C ALA A 120 -4.73 -2.65 -22.69
N VAL A 121 -6.04 -2.59 -22.92
CA VAL A 121 -6.82 -1.44 -22.46
C VAL A 121 -6.91 -1.43 -20.94
N HIS A 122 -7.04 -2.61 -20.36
CA HIS A 122 -7.09 -2.78 -18.90
C HIS A 122 -5.79 -2.17 -18.33
N ALA A 123 -4.66 -2.50 -18.96
CA ALA A 123 -3.37 -1.97 -18.51
C ALA A 123 -3.31 -0.44 -18.59
N SER A 124 -3.77 0.11 -19.70
CA SER A 124 -3.76 1.56 -19.89
C SER A 124 -4.71 2.28 -18.93
N LEU A 125 -5.88 1.70 -18.70
CA LEU A 125 -6.84 2.30 -17.78
C LEU A 125 -6.27 2.35 -16.37
N ASP A 126 -5.56 1.29 -15.97
CA ASP A 126 -4.97 1.23 -14.64
C ASP A 126 -3.91 2.33 -14.52
N LYS A 127 -3.09 2.46 -15.55
CA LYS A 127 -2.06 3.49 -15.56
C LYS A 127 -2.68 4.89 -15.50
N PHE A 128 -3.77 5.08 -16.25
CA PHE A 128 -4.46 6.35 -16.29
C PHE A 128 -4.98 6.73 -14.90
N LEU A 129 -5.70 5.81 -14.26
CA LEU A 129 -6.26 6.07 -12.95
C LEU A 129 -5.16 6.30 -11.91
N ALA A 130 -4.03 5.62 -12.07
CA ALA A 130 -2.91 5.80 -11.14
C ALA A 130 -2.33 7.20 -11.34
N SER A 131 -2.32 7.66 -12.58
CA SER A 131 -1.79 9.00 -12.89
C SER A 131 -2.70 10.07 -12.31
N VAL A 132 -4.02 9.86 -12.44
CA VAL A 132 -5.00 10.78 -11.88
C VAL A 132 -4.77 10.84 -10.37
N SER A 133 -4.62 9.67 -9.77
CA SER A 133 -4.42 9.59 -8.33
C SER A 133 -3.15 10.33 -7.91
N THR A 134 -2.09 10.16 -8.69
CA THR A 134 -0.83 10.84 -8.41
C THR A 134 -1.04 12.36 -8.40
N VAL A 135 -1.71 12.88 -9.43
CA VAL A 135 -1.95 14.31 -9.48
C VAL A 135 -2.79 14.75 -8.29
N LEU A 136 -3.84 13.99 -8.00
CA LEU A 136 -4.71 14.35 -6.89
C LEU A 136 -4.07 14.32 -5.51
N THR A 137 -2.95 13.62 -5.37
CA THR A 137 -2.26 13.55 -4.08
C THR A 137 -0.93 14.28 -4.10
N SER A 138 -0.57 14.86 -5.24
CA SER A 138 0.70 15.54 -5.39
C SER A 138 0.97 16.74 -4.49
N LYS A 139 -0.08 17.33 -3.92
CA LYS A 139 0.09 18.51 -3.07
C LYS A 139 -0.24 18.27 -1.59
N TYR A 140 -0.34 16.99 -1.21
CA TYR A 140 -0.67 16.63 0.16
C TYR A 140 0.31 17.11 1.23
N ARG A 141 1.58 17.22 0.88
CA ARG A 141 2.59 17.68 1.84
C ARG A 141 3.82 18.25 1.17
N VAL B 1 -9.51 -13.10 6.74
CA VAL B 1 -10.39 -11.89 6.71
C VAL B 1 -11.76 -12.19 7.33
N HIS B 2 -12.23 -13.41 7.13
CA HIS B 2 -13.53 -13.86 7.66
C HIS B 2 -14.73 -13.31 6.90
N LEU B 3 -15.35 -14.15 6.09
CA LEU B 3 -16.52 -13.76 5.32
C LEU B 3 -17.76 -14.17 6.11
N THR B 4 -18.87 -13.47 5.91
CA THR B 4 -20.10 -13.82 6.60
C THR B 4 -20.60 -15.10 5.93
N PRO B 5 -21.46 -15.87 6.62
CA PRO B 5 -21.99 -17.11 6.05
C PRO B 5 -22.57 -16.92 4.65
N GLU B 6 -23.28 -15.81 4.45
CA GLU B 6 -23.91 -15.53 3.17
C GLU B 6 -22.89 -15.21 2.08
N GLU B 7 -21.81 -14.53 2.47
CA GLU B 7 -20.77 -14.18 1.50
C GLU B 7 -20.08 -15.45 0.99
N LYS B 8 -19.95 -16.43 1.88
CA LYS B 8 -19.32 -17.69 1.50
C LYS B 8 -20.19 -18.41 0.48
N SER B 9 -21.51 -18.39 0.71
CA SER B 9 -22.46 -19.03 -0.20
C SER B 9 -22.45 -18.32 -1.54
N ALA B 10 -22.32 -17.01 -1.51
CA ALA B 10 -22.29 -16.22 -2.73
C ALA B 10 -21.05 -16.59 -3.54
N VAL B 11 -19.91 -16.74 -2.85
CA VAL B 11 -18.66 -17.08 -3.50
C VAL B 11 -18.69 -18.48 -4.12
N THR B 12 -19.07 -19.46 -3.31
CA THR B 12 -19.12 -20.84 -3.81
C THR B 12 -20.18 -21.02 -4.90
N ALA B 13 -21.19 -20.15 -4.91
CA ALA B 13 -22.25 -20.23 -5.89
C ALA B 13 -21.86 -19.72 -7.27
N LEU B 14 -21.33 -18.50 -7.33
CA LEU B 14 -20.91 -17.93 -8.60
C LEU B 14 -19.81 -18.78 -9.23
N TRP B 15 -19.01 -19.40 -8.38
CA TRP B 15 -17.90 -20.22 -8.83
C TRP B 15 -18.36 -21.47 -9.60
N GLY B 16 -19.50 -22.03 -9.21
CA GLY B 16 -20.00 -23.23 -9.87
C GLY B 16 -19.99 -23.17 -11.38
N LYS B 17 -20.10 -21.96 -11.92
CA LYS B 17 -20.12 -21.74 -13.36
C LYS B 17 -18.85 -21.06 -13.87
N VAL B 18 -17.72 -21.46 -13.30
CA VAL B 18 -16.43 -20.89 -13.69
C VAL B 18 -15.53 -21.97 -14.28
N ASN B 19 -15.04 -21.75 -15.49
CA ASN B 19 -14.12 -22.69 -16.08
C ASN B 19 -12.79 -22.29 -15.44
N VAL B 20 -12.42 -23.01 -14.39
CA VAL B 20 -11.20 -22.72 -13.64
C VAL B 20 -9.95 -22.62 -14.51
N ASP B 21 -9.79 -23.55 -15.45
CA ASP B 21 -8.63 -23.53 -16.33
C ASP B 21 -8.59 -22.26 -17.18
N GLU B 22 -9.73 -21.92 -17.78
CA GLU B 22 -9.82 -20.74 -18.64
C GLU B 22 -9.63 -19.42 -17.89
N VAL B 23 -10.34 -19.26 -16.78
CA VAL B 23 -10.24 -18.03 -16.00
C VAL B 23 -8.82 -17.89 -15.43
N GLY B 24 -8.22 -19.02 -15.09
CA GLY B 24 -6.87 -18.99 -14.54
C GLY B 24 -5.89 -18.42 -15.54
N GLY B 25 -5.98 -18.88 -16.78
CA GLY B 25 -5.08 -18.38 -17.81
C GLY B 25 -5.30 -16.90 -18.06
N GLU B 26 -6.57 -16.49 -18.06
CA GLU B 26 -6.93 -15.10 -18.30
C GLU B 26 -6.39 -14.20 -17.18
N ALA B 27 -6.58 -14.63 -15.93
CA ALA B 27 -6.12 -13.86 -14.78
C ALA B 27 -4.61 -13.73 -14.75
N LEU B 28 -3.91 -14.85 -14.94
CA LEU B 28 -2.45 -14.82 -14.92
C LEU B 28 -1.93 -14.00 -16.09
N GLY B 29 -2.56 -14.15 -17.25
CA GLY B 29 -2.12 -13.39 -18.41
C GLY B 29 -2.25 -11.90 -18.19
N ARG B 30 -3.41 -11.45 -17.71
CA ARG B 30 -3.61 -10.03 -17.47
C ARG B 30 -2.65 -9.50 -16.40
N LEU B 31 -2.28 -10.36 -15.45
CA LEU B 31 -1.34 -9.95 -14.40
C LEU B 31 -0.01 -9.57 -15.06
N LEU B 32 0.47 -10.42 -15.96
CA LEU B 32 1.73 -10.18 -16.65
C LEU B 32 1.66 -9.00 -17.60
N VAL B 33 0.46 -8.69 -18.08
CA VAL B 33 0.28 -7.57 -19.00
C VAL B 33 0.12 -6.23 -18.29
N VAL B 34 -0.71 -6.21 -17.26
CA VAL B 34 -1.00 -5.00 -16.50
C VAL B 34 0.13 -4.59 -15.55
N TYR B 35 0.78 -5.59 -14.96
CA TYR B 35 1.89 -5.36 -14.03
C TYR B 35 3.04 -6.18 -14.58
N PRO B 36 3.63 -5.73 -15.70
CA PRO B 36 4.74 -6.42 -16.37
C PRO B 36 5.93 -6.86 -15.54
N TRP B 37 6.18 -6.24 -14.40
CA TRP B 37 7.32 -6.67 -13.60
C TRP B 37 7.11 -8.08 -13.07
N THR B 38 5.85 -8.53 -13.05
CA THR B 38 5.55 -9.88 -12.57
C THR B 38 6.05 -10.95 -13.54
N GLN B 39 6.51 -10.53 -14.72
CA GLN B 39 7.02 -11.45 -15.72
C GLN B 39 8.39 -12.00 -15.28
N ARG B 40 8.93 -11.43 -14.21
CA ARG B 40 10.24 -11.83 -13.70
C ARG B 40 10.36 -13.30 -13.30
N PHE B 41 9.23 -13.95 -13.02
CA PHE B 41 9.25 -15.36 -12.62
C PHE B 41 9.05 -16.30 -13.80
N PHE B 42 8.78 -15.73 -14.98
CA PHE B 42 8.47 -16.56 -16.13
C PHE B 42 9.32 -16.38 -17.39
N GLU B 43 10.61 -16.14 -17.21
CA GLU B 43 11.49 -15.96 -18.37
C GLU B 43 11.59 -17.26 -19.16
N SER B 44 11.24 -18.38 -18.54
CA SER B 44 11.29 -19.68 -19.19
C SER B 44 10.06 -19.94 -20.06
N PHE B 45 9.07 -19.06 -19.98
CA PHE B 45 7.83 -19.22 -20.73
C PHE B 45 7.86 -18.78 -22.20
N GLY B 46 8.95 -18.15 -22.61
CA GLY B 46 9.05 -17.72 -23.99
C GLY B 46 8.54 -16.32 -24.30
N ASP B 47 7.77 -16.21 -25.38
CA ASP B 47 7.24 -14.92 -25.83
C ASP B 47 6.20 -14.31 -24.90
N LEU B 48 6.58 -13.19 -24.28
CA LEU B 48 5.70 -12.43 -23.37
C LEU B 48 5.82 -10.96 -23.76
N SER B 49 6.26 -10.70 -24.99
CA SER B 49 6.49 -9.35 -25.48
C SER B 49 5.30 -8.45 -25.77
N THR B 50 4.13 -9.03 -25.97
CA THR B 50 2.94 -8.24 -26.25
C THR B 50 1.75 -8.87 -25.54
N PRO B 51 0.67 -8.10 -25.35
CA PRO B 51 -0.52 -8.65 -24.68
C PRO B 51 -1.00 -9.94 -25.37
N ASP B 52 -1.11 -9.90 -26.70
CA ASP B 52 -1.55 -11.08 -27.44
C ASP B 52 -0.64 -12.29 -27.20
N ALA B 53 0.66 -12.05 -27.20
CA ALA B 53 1.62 -13.13 -27.00
C ALA B 53 1.46 -13.73 -25.60
N VAL B 54 1.31 -12.87 -24.61
CA VAL B 54 1.14 -13.32 -23.23
C VAL B 54 -0.14 -14.14 -23.06
N MET B 55 -1.25 -13.58 -23.48
CA MET B 55 -2.54 -14.24 -23.34
C MET B 55 -2.62 -15.57 -24.08
N GLY B 56 -1.96 -15.66 -25.23
CA GLY B 56 -2.02 -16.90 -26.01
C GLY B 56 -0.90 -17.89 -25.71
N ASN B 57 0.01 -17.52 -24.81
CA ASN B 57 1.13 -18.38 -24.46
C ASN B 57 0.65 -19.62 -23.72
N PRO B 58 0.89 -20.82 -24.30
CA PRO B 58 0.44 -22.06 -23.63
C PRO B 58 0.96 -22.25 -22.21
N LYS B 59 2.15 -21.74 -21.91
CA LYS B 59 2.70 -21.90 -20.57
C LYS B 59 2.02 -20.97 -19.57
N VAL B 60 1.61 -19.79 -20.05
CA VAL B 60 0.91 -18.83 -19.19
C VAL B 60 -0.43 -19.48 -18.85
N LYS B 61 -1.07 -20.07 -19.86
CA LYS B 61 -2.35 -20.73 -19.63
C LYS B 61 -2.17 -21.92 -18.70
N ALA B 62 -1.11 -22.69 -18.90
CA ALA B 62 -0.84 -23.85 -18.08
C ALA B 62 -0.60 -23.47 -16.62
N HIS B 63 0.14 -22.41 -16.39
CA HIS B 63 0.40 -21.98 -15.01
C HIS B 63 -0.85 -21.37 -14.40
N GLY B 64 -1.62 -20.67 -15.23
CA GLY B 64 -2.84 -20.05 -14.75
C GLY B 64 -3.82 -21.08 -14.20
N LYS B 65 -3.96 -22.21 -14.89
CA LYS B 65 -4.88 -23.23 -14.43
C LYS B 65 -4.39 -23.88 -13.15
N LYS B 66 -3.07 -23.92 -12.98
CA LYS B 66 -2.45 -24.49 -11.78
C LYS B 66 -2.77 -23.58 -10.59
N VAL B 67 -2.54 -22.29 -10.78
CA VAL B 67 -2.79 -21.29 -9.75
C VAL B 67 -4.26 -21.20 -9.35
N LEU B 68 -5.15 -21.06 -10.34
CA LEU B 68 -6.57 -20.94 -10.01
C LEU B 68 -7.14 -22.26 -9.50
N GLY B 69 -6.51 -23.37 -9.87
CA GLY B 69 -6.98 -24.66 -9.39
C GLY B 69 -6.87 -24.71 -7.88
N ALA B 70 -5.73 -24.22 -7.38
CA ALA B 70 -5.47 -24.18 -5.95
C ALA B 70 -6.38 -23.15 -5.28
N PHE B 71 -6.65 -22.06 -5.99
CA PHE B 71 -7.53 -21.02 -5.46
C PHE B 71 -8.90 -21.63 -5.27
N SER B 72 -9.35 -22.36 -6.29
CA SER B 72 -10.65 -23.01 -6.27
C SER B 72 -10.76 -24.02 -5.12
N ASP B 73 -9.71 -24.78 -4.92
CA ASP B 73 -9.70 -25.76 -3.84
C ASP B 73 -9.86 -25.01 -2.51
N GLY B 74 -9.18 -23.87 -2.40
CA GLY B 74 -9.26 -23.09 -1.18
C GLY B 74 -10.68 -22.66 -0.80
N LEU B 75 -11.56 -22.54 -1.78
CA LEU B 75 -12.92 -22.13 -1.52
C LEU B 75 -13.70 -23.14 -0.68
N ALA B 76 -13.15 -24.35 -0.55
CA ALA B 76 -13.80 -25.39 0.25
C ALA B 76 -13.23 -25.41 1.67
N HIS B 77 -12.35 -24.45 1.97
CA HIS B 77 -11.73 -24.36 3.29
C HIS B 77 -11.75 -22.91 3.81
N LEU B 78 -12.81 -22.18 3.49
CA LEU B 78 -12.93 -20.79 3.89
C LEU B 78 -12.86 -20.48 5.39
N ASP B 79 -13.03 -21.48 6.24
CA ASP B 79 -12.96 -21.22 7.68
C ASP B 79 -11.53 -21.15 8.23
N ASN B 80 -10.57 -21.59 7.42
CA ASN B 80 -9.16 -21.54 7.82
C ASN B 80 -8.27 -21.69 6.60
N LEU B 81 -8.04 -20.59 5.90
CA LEU B 81 -7.20 -20.60 4.70
C LEU B 81 -5.72 -20.72 5.03
N LYS B 82 -5.29 -20.07 6.10
CA LYS B 82 -3.87 -20.13 6.46
C LYS B 82 -3.44 -21.57 6.67
N GLY B 83 -4.25 -22.34 7.40
CA GLY B 83 -3.91 -23.72 7.65
C GLY B 83 -3.85 -24.54 6.37
N THR B 84 -4.79 -24.29 5.47
CA THR B 84 -4.86 -25.02 4.21
C THR B 84 -3.73 -24.71 3.23
N PHE B 85 -3.26 -23.46 3.21
CA PHE B 85 -2.19 -23.07 2.29
C PHE B 85 -0.78 -23.05 2.88
N ALA B 86 -0.62 -23.58 4.09
CA ALA B 86 0.67 -23.57 4.76
C ALA B 86 1.87 -24.10 3.97
N THR B 87 1.78 -25.35 3.51
CA THR B 87 2.89 -25.94 2.77
C THR B 87 3.10 -25.23 1.44
N LEU B 88 2.01 -24.81 0.81
CA LEU B 88 2.13 -24.10 -0.46
C LEU B 88 2.79 -22.75 -0.21
N SER B 89 2.53 -22.18 0.97
CA SER B 89 3.12 -20.90 1.35
C SER B 89 4.62 -21.07 1.54
N GLU B 90 5.03 -22.18 2.17
CA GLU B 90 6.45 -22.43 2.39
C GLU B 90 7.16 -22.62 1.05
N LEU B 91 6.49 -23.25 0.10
CA LEU B 91 7.09 -23.47 -1.21
C LEU B 91 7.30 -22.15 -1.94
N HIS B 92 6.30 -21.28 -1.91
CA HIS B 92 6.40 -20.01 -2.60
C HIS B 92 7.48 -19.13 -1.99
N CYS B 93 7.74 -19.31 -0.70
CA CYS B 93 8.78 -18.52 -0.05
C CYS B 93 10.18 -19.11 -0.22
N ASP B 94 10.33 -20.36 0.22
CA ASP B 94 11.64 -21.03 0.17
C ASP B 94 12.20 -21.42 -1.18
N LYS B 95 11.35 -21.86 -2.08
CA LYS B 95 11.83 -22.29 -3.39
C LYS B 95 11.49 -21.36 -4.55
N LEU B 96 10.33 -20.72 -4.50
CA LEU B 96 9.90 -19.86 -5.60
C LEU B 96 10.23 -18.37 -5.46
N HIS B 97 10.45 -17.91 -4.23
CA HIS B 97 10.80 -16.51 -3.98
C HIS B 97 9.77 -15.53 -4.50
N VAL B 98 8.51 -15.86 -4.32
CA VAL B 98 7.45 -14.99 -4.82
C VAL B 98 6.98 -13.99 -3.76
N ASP B 99 7.27 -12.72 -4.00
CA ASP B 99 6.85 -11.64 -3.10
C ASP B 99 5.33 -11.77 -2.97
N PRO B 100 4.80 -11.84 -1.72
CA PRO B 100 3.35 -11.96 -1.56
C PRO B 100 2.50 -10.85 -2.18
N GLU B 101 3.12 -9.71 -2.49
CA GLU B 101 2.36 -8.63 -3.12
C GLU B 101 1.81 -9.15 -4.44
N ASN B 102 2.54 -10.08 -5.04
CA ASN B 102 2.10 -10.67 -6.30
C ASN B 102 0.75 -11.35 -6.14
N PHE B 103 0.50 -11.92 -4.97
CA PHE B 103 -0.77 -12.60 -4.71
C PHE B 103 -1.90 -11.58 -4.63
N ARG B 104 -1.59 -10.40 -4.10
CA ARG B 104 -2.58 -9.35 -3.95
C ARG B 104 -2.91 -8.76 -5.32
N LEU B 105 -1.89 -8.57 -6.15
CA LEU B 105 -2.12 -8.04 -7.50
C LEU B 105 -2.95 -9.05 -8.28
N LEU B 106 -2.57 -10.33 -8.20
CA LEU B 106 -3.30 -11.38 -8.91
C LEU B 106 -4.75 -11.40 -8.44
N GLY B 107 -4.95 -11.24 -7.13
CA GLY B 107 -6.29 -11.23 -6.58
C GLY B 107 -7.14 -10.13 -7.19
N ASN B 108 -6.57 -8.94 -7.30
CA ASN B 108 -7.32 -7.83 -7.89
C ASN B 108 -7.60 -8.07 -9.35
N VAL B 109 -6.64 -8.63 -10.07
CA VAL B 109 -6.83 -8.92 -11.48
C VAL B 109 -7.92 -9.98 -11.63
N LEU B 110 -7.91 -10.97 -10.75
CA LEU B 110 -8.92 -12.02 -10.81
C LEU B 110 -10.32 -11.41 -10.63
N VAL B 111 -10.45 -10.46 -9.72
CA VAL B 111 -11.75 -9.82 -9.50
C VAL B 111 -12.16 -9.09 -10.78
N CYS B 112 -11.22 -8.43 -11.43
CA CYS B 112 -11.51 -7.73 -12.68
C CYS B 112 -11.96 -8.73 -13.73
N VAL B 113 -11.33 -9.90 -13.73
CA VAL B 113 -11.65 -10.95 -14.70
C VAL B 113 -13.02 -11.55 -14.44
N LEU B 114 -13.36 -11.76 -13.17
CA LEU B 114 -14.68 -12.30 -12.85
C LEU B 114 -15.75 -11.29 -13.27
N ALA B 115 -15.43 -10.00 -13.13
CA ALA B 115 -16.36 -8.95 -13.53
C ALA B 115 -16.51 -8.95 -15.06
N HIS B 116 -15.40 -9.09 -15.75
CA HIS B 116 -15.42 -9.11 -17.22
C HIS B 116 -16.22 -10.31 -17.70
N HIS B 117 -16.03 -11.44 -17.03
CA HIS B 117 -16.71 -12.68 -17.38
C HIS B 117 -18.20 -12.73 -17.05
N PHE B 118 -18.57 -12.32 -15.84
CA PHE B 118 -19.97 -12.37 -15.43
C PHE B 118 -20.81 -11.13 -15.70
N GLY B 119 -20.15 -10.03 -16.08
CA GLY B 119 -20.87 -8.81 -16.37
C GLY B 119 -21.88 -8.42 -15.31
N LYS B 120 -23.11 -8.17 -15.74
CA LYS B 120 -24.22 -7.79 -14.87
C LYS B 120 -24.33 -8.58 -13.57
N GLU B 121 -24.11 -9.90 -13.67
CA GLU B 121 -24.20 -10.80 -12.52
C GLU B 121 -23.16 -10.53 -11.43
N PHE B 122 -22.05 -9.90 -11.79
CA PHE B 122 -21.01 -9.62 -10.81
C PHE B 122 -21.35 -8.33 -10.06
N THR B 123 -22.45 -8.39 -9.31
CA THR B 123 -22.95 -7.25 -8.54
C THR B 123 -21.99 -6.74 -7.46
N PRO B 124 -22.20 -5.50 -7.00
CA PRO B 124 -21.31 -4.97 -5.96
C PRO B 124 -21.20 -5.87 -4.73
N PRO B 125 -22.33 -6.44 -4.25
CA PRO B 125 -22.24 -7.32 -3.08
C PRO B 125 -21.45 -8.60 -3.38
N VAL B 126 -21.60 -9.11 -4.59
CA VAL B 126 -20.89 -10.33 -4.96
C VAL B 126 -19.40 -10.03 -5.04
N GLN B 127 -19.06 -8.86 -5.55
CA GLN B 127 -17.66 -8.46 -5.64
C GLN B 127 -17.04 -8.36 -4.25
N ALA B 128 -17.78 -7.77 -3.31
CA ALA B 128 -17.30 -7.60 -1.95
C ALA B 128 -16.92 -8.94 -1.33
N ALA B 129 -17.72 -9.96 -1.58
CA ALA B 129 -17.45 -11.29 -1.04
C ALA B 129 -16.14 -11.82 -1.65
N TYR B 130 -16.00 -11.67 -2.96
CA TYR B 130 -14.80 -12.14 -3.64
C TYR B 130 -13.57 -11.32 -3.25
N GLN B 131 -13.76 -10.03 -3.05
CA GLN B 131 -12.67 -9.14 -2.68
C GLN B 131 -12.13 -9.65 -1.34
N LYS B 132 -13.02 -10.09 -0.45
CA LYS B 132 -12.62 -10.62 0.86
C LYS B 132 -11.84 -11.91 0.70
N VAL B 133 -12.32 -12.77 -0.19
CA VAL B 133 -11.69 -14.06 -0.46
C VAL B 133 -10.27 -13.94 -1.00
N VAL B 134 -10.08 -13.11 -2.04
CA VAL B 134 -8.74 -12.99 -2.59
C VAL B 134 -7.76 -12.46 -1.57
N ALA B 135 -8.22 -11.56 -0.69
CA ALA B 135 -7.35 -11.03 0.35
C ALA B 135 -7.01 -12.14 1.34
N GLY B 136 -8.02 -12.95 1.67
CA GLY B 136 -7.82 -14.05 2.59
C GLY B 136 -6.83 -15.06 2.04
N VAL B 137 -6.95 -15.35 0.75
CA VAL B 137 -6.05 -16.30 0.10
C VAL B 137 -4.64 -15.73 0.04
N ALA B 138 -4.52 -14.46 -0.32
CA ALA B 138 -3.21 -13.83 -0.41
C ALA B 138 -2.55 -13.82 0.97
N ASN B 139 -3.33 -13.52 2.02
CA ASN B 139 -2.78 -13.49 3.36
C ASN B 139 -2.34 -14.87 3.82
N ALA B 140 -3.10 -15.89 3.43
CA ALA B 140 -2.78 -17.26 3.80
C ALA B 140 -1.50 -17.71 3.10
N LEU B 141 -1.38 -17.35 1.82
CA LEU B 141 -0.20 -17.73 1.05
C LEU B 141 1.04 -17.02 1.55
N ALA B 142 0.85 -15.88 2.19
CA ALA B 142 1.96 -15.08 2.71
C ALA B 142 2.32 -15.43 4.15
N HIS B 143 1.45 -16.17 4.82
CA HIS B 143 1.66 -16.52 6.22
C HIS B 143 2.94 -17.23 6.67
N LYS B 144 3.44 -18.15 5.85
CA LYS B 144 4.64 -18.89 6.24
C LYS B 144 5.95 -18.27 5.76
N TYR B 145 5.91 -17.06 5.23
CA TYR B 145 7.14 -16.44 4.78
C TYR B 145 8.00 -16.07 5.98
N HIS B 146 9.31 -16.19 5.82
CA HIS B 146 10.25 -15.91 6.89
C HIS B 146 11.55 -15.37 6.30
N VAL C 1 6.03 16.20 -4.44
CA VAL C 1 6.60 17.52 -4.29
C VAL C 1 7.67 17.70 -3.22
N LEU C 2 8.91 17.40 -3.57
CA LEU C 2 10.02 17.63 -2.67
C LEU C 2 10.24 19.12 -2.84
N SER C 3 9.89 19.89 -1.82
CA SER C 3 10.03 21.33 -1.88
C SER C 3 11.48 21.72 -1.69
N PRO C 4 11.84 22.96 -2.06
CA PRO C 4 13.21 23.44 -1.90
C PRO C 4 13.59 23.34 -0.43
N ALA C 5 12.62 23.61 0.45
CA ALA C 5 12.83 23.53 1.88
C ALA C 5 13.23 22.10 2.25
N ASP C 6 12.52 21.13 1.67
CA ASP C 6 12.82 19.72 1.94
C ASP C 6 14.22 19.38 1.44
N LYS C 7 14.55 19.89 0.26
CA LYS C 7 15.85 19.64 -0.35
C LYS C 7 16.99 20.06 0.57
N THR C 8 16.91 21.26 1.12
CA THR C 8 17.99 21.73 1.97
C THR C 8 18.04 21.00 3.32
N ASN C 9 16.89 20.55 3.83
CA ASN C 9 16.87 19.81 5.08
C ASN C 9 17.58 18.49 4.83
N VAL C 10 17.35 17.92 3.64
CA VAL C 10 17.97 16.64 3.30
C VAL C 10 19.47 16.81 3.10
N LYS C 11 19.88 17.88 2.43
CA LYS C 11 21.31 18.11 2.20
C LYS C 11 22.02 18.21 3.55
N ALA C 12 21.43 18.93 4.49
CA ALA C 12 22.04 19.12 5.80
C ALA C 12 22.07 17.84 6.63
N ALA C 13 20.96 17.10 6.62
CA ALA C 13 20.89 15.86 7.37
C ALA C 13 21.85 14.82 6.81
N TRP C 14 21.86 14.66 5.49
CA TRP C 14 22.74 13.70 4.85
C TRP C 14 24.18 14.13 5.01
N GLY C 15 24.40 15.43 5.12
CA GLY C 15 25.74 15.95 5.30
C GLY C 15 26.24 15.49 6.66
N LYS C 16 25.33 15.47 7.63
CA LYS C 16 25.68 15.03 8.98
C LYS C 16 25.98 13.54 8.95
N VAL C 17 25.22 12.80 8.14
CA VAL C 17 25.43 11.36 8.01
C VAL C 17 26.89 11.19 7.62
N GLY C 18 27.32 12.04 6.70
CA GLY C 18 28.69 12.02 6.23
C GLY C 18 29.31 10.67 5.91
N ALA C 19 30.45 10.40 6.54
CA ALA C 19 31.19 9.16 6.31
C ALA C 19 30.51 7.88 6.80
N HIS C 20 29.34 8.00 7.41
CA HIS C 20 28.64 6.82 7.90
C HIS C 20 27.57 6.35 6.92
N ALA C 21 27.47 6.99 5.76
CA ALA C 21 26.45 6.64 4.78
C ALA C 21 26.39 5.14 4.49
N GLY C 22 27.53 4.55 4.12
CA GLY C 22 27.56 3.13 3.81
C GLY C 22 27.10 2.26 4.94
N GLU C 23 27.57 2.57 6.14
CA GLU C 23 27.19 1.81 7.33
C GLU C 23 25.69 1.87 7.54
N TYR C 24 25.12 3.07 7.41
CA TYR C 24 23.70 3.24 7.62
C TYR C 24 22.90 2.52 6.53
N GLY C 25 23.43 2.52 5.32
CA GLY C 25 22.76 1.84 4.22
C GLY C 25 22.66 0.35 4.51
N ALA C 26 23.76 -0.23 4.96
CA ALA C 26 23.78 -1.65 5.29
C ALA C 26 22.85 -1.93 6.46
N GLU C 27 22.86 -1.06 7.46
CA GLU C 27 22.00 -1.23 8.63
C GLU C 27 20.53 -1.18 8.25
N ALA C 28 20.19 -0.27 7.33
CA ALA C 28 18.82 -0.12 6.87
C ALA C 28 18.34 -1.40 6.21
N LEU C 29 19.21 -2.01 5.41
CA LEU C 29 18.87 -3.25 4.73
C LEU C 29 18.65 -4.36 5.76
N GLU C 30 19.57 -4.46 6.71
CA GLU C 30 19.44 -5.48 7.75
C GLU C 30 18.10 -5.32 8.48
N ARG C 31 17.74 -4.09 8.77
CA ARG C 31 16.49 -3.80 9.47
C ARG C 31 15.31 -4.22 8.60
N MET C 32 15.39 -3.95 7.31
CA MET C 32 14.31 -4.31 6.40
C MET C 32 14.10 -5.82 6.32
N PHE C 33 15.20 -6.57 6.19
CA PHE C 33 15.09 -8.02 6.11
C PHE C 33 14.48 -8.65 7.35
N LEU C 34 14.73 -8.05 8.52
CA LEU C 34 14.16 -8.59 9.76
C LEU C 34 12.72 -8.12 9.98
N SER C 35 12.45 -6.85 9.74
CA SER C 35 11.12 -6.28 9.94
C SER C 35 10.12 -6.70 8.89
N PHE C 36 10.57 -6.83 7.65
CA PHE C 36 9.72 -7.20 6.54
C PHE C 36 10.33 -8.36 5.76
N PRO C 37 10.19 -9.59 6.28
CA PRO C 37 10.73 -10.80 5.67
C PRO C 37 10.45 -11.00 4.19
N THR C 38 9.31 -10.50 3.71
CA THR C 38 8.98 -10.68 2.30
C THR C 38 9.99 -10.01 1.37
N THR C 39 10.73 -9.03 1.88
CA THR C 39 11.72 -8.34 1.06
C THR C 39 12.92 -9.25 0.77
N LYS C 40 13.06 -10.31 1.57
CA LYS C 40 14.17 -11.25 1.38
C LYS C 40 13.99 -12.06 0.09
N THR C 41 12.78 -12.08 -0.45
CA THR C 41 12.51 -12.84 -1.68
C THR C 41 13.31 -12.31 -2.87
N TYR C 42 13.80 -11.07 -2.77
CA TYR C 42 14.56 -10.48 -3.86
C TYR C 42 16.06 -10.76 -3.79
N PHE C 43 16.50 -11.40 -2.71
CA PHE C 43 17.92 -11.67 -2.52
C PHE C 43 18.21 -13.14 -2.20
N PRO C 44 17.67 -14.08 -2.98
CA PRO C 44 17.94 -15.49 -2.70
C PRO C 44 19.40 -15.88 -2.94
N HIS C 45 20.12 -15.01 -3.66
CA HIS C 45 21.52 -15.26 -3.96
C HIS C 45 22.42 -14.69 -2.87
N PHE C 46 21.82 -14.03 -1.88
CA PHE C 46 22.55 -13.43 -0.77
C PHE C 46 22.42 -14.23 0.52
N ASP C 47 23.45 -14.14 1.35
CA ASP C 47 23.40 -14.73 2.67
C ASP C 47 22.84 -13.51 3.39
N LEU C 48 21.66 -13.63 3.99
CA LEU C 48 21.06 -12.47 4.65
C LEU C 48 21.24 -12.46 6.16
N SER C 49 22.19 -13.25 6.66
CA SER C 49 22.48 -13.34 8.08
C SER C 49 23.06 -12.03 8.59
N HIS C 50 22.95 -11.81 9.90
CA HIS C 50 23.48 -10.60 10.50
C HIS C 50 24.99 -10.60 10.21
N GLY C 51 25.51 -9.47 9.75
CA GLY C 51 26.92 -9.38 9.46
C GLY C 51 27.34 -9.81 8.06
N SER C 52 26.38 -10.22 7.24
CA SER C 52 26.66 -10.64 5.88
C SER C 52 27.44 -9.57 5.11
N ALA C 53 28.54 -9.98 4.49
CA ALA C 53 29.35 -9.06 3.70
C ALA C 53 28.60 -8.64 2.45
N GLN C 54 27.64 -9.47 2.03
CA GLN C 54 26.86 -9.15 0.83
C GLN C 54 25.88 -8.04 1.15
N VAL C 55 25.27 -8.10 2.33
CA VAL C 55 24.34 -7.06 2.74
C VAL C 55 25.11 -5.77 2.98
N LYS C 56 26.30 -5.89 3.56
CA LYS C 56 27.13 -4.71 3.82
C LYS C 56 27.53 -4.04 2.53
N GLY C 57 27.95 -4.83 1.55
CA GLY C 57 28.37 -4.30 0.26
C GLY C 57 27.23 -3.63 -0.47
N HIS C 58 26.07 -4.27 -0.47
CA HIS C 58 24.92 -3.71 -1.14
C HIS C 58 24.50 -2.41 -0.45
N GLY C 59 24.67 -2.36 0.87
CA GLY C 59 24.33 -1.17 1.63
C GLY C 59 25.13 0.04 1.19
N LYS C 60 26.40 -0.18 0.87
CA LYS C 60 27.26 0.92 0.42
C LYS C 60 26.79 1.42 -0.94
N LYS C 61 26.29 0.50 -1.77
CA LYS C 61 25.81 0.88 -3.08
C LYS C 61 24.51 1.66 -2.96
N VAL C 62 23.64 1.25 -2.04
CA VAL C 62 22.38 1.95 -1.85
C VAL C 62 22.72 3.36 -1.34
N ALA C 63 23.71 3.45 -0.45
CA ALA C 63 24.11 4.74 0.09
C ALA C 63 24.74 5.61 -1.00
N ASP C 64 25.51 5.00 -1.89
CA ASP C 64 26.12 5.74 -3.00
C ASP C 64 25.00 6.39 -3.81
N ALA C 65 23.96 5.61 -4.10
CA ALA C 65 22.84 6.11 -4.88
C ALA C 65 22.13 7.26 -4.19
N LEU C 66 21.93 7.14 -2.87
CA LEU C 66 21.25 8.19 -2.13
C LEU C 66 22.13 9.44 -2.06
N THR C 67 23.42 9.25 -1.83
CA THR C 67 24.34 10.37 -1.75
C THR C 67 24.36 11.12 -3.07
N ASN C 68 24.39 10.36 -4.16
CA ASN C 68 24.40 10.95 -5.49
C ASN C 68 23.09 11.69 -5.73
N ALA C 69 21.99 11.13 -5.26
CA ALA C 69 20.69 11.76 -5.44
C ALA C 69 20.65 13.09 -4.69
N VAL C 70 21.21 13.11 -3.49
CA VAL C 70 21.25 14.33 -2.69
C VAL C 70 22.10 15.39 -3.39
N ALA C 71 23.21 14.95 -3.97
CA ALA C 71 24.12 15.86 -4.67
C ALA C 71 23.50 16.42 -5.96
N HIS C 72 22.50 15.73 -6.47
CA HIS C 72 21.82 16.18 -7.69
C HIS C 72 20.32 16.21 -7.43
N VAL C 73 19.95 16.66 -6.25
CA VAL C 73 18.54 16.70 -5.88
C VAL C 73 17.67 17.53 -6.82
N ASP C 74 18.30 18.45 -7.57
CA ASP C 74 17.52 19.27 -8.50
C ASP C 74 17.18 18.53 -9.80
N ASP C 75 17.80 17.37 -10.01
CA ASP C 75 17.51 16.56 -11.18
C ASP C 75 17.76 15.11 -10.84
N MET C 76 17.01 14.61 -9.87
CA MET C 76 17.15 13.22 -9.45
C MET C 76 16.78 12.24 -10.55
N PRO C 77 15.79 12.57 -11.38
CA PRO C 77 15.46 11.60 -12.43
C PRO C 77 16.70 11.24 -13.26
N ASN C 78 17.53 12.23 -13.57
CA ASN C 78 18.75 11.98 -14.34
C ASN C 78 19.75 11.20 -13.50
N ALA C 79 20.00 11.68 -12.28
CA ALA C 79 20.93 11.03 -11.37
C ALA C 79 20.60 9.57 -11.10
N LEU C 80 19.31 9.24 -11.05
CA LEU C 80 18.87 7.88 -10.77
C LEU C 80 18.43 7.10 -12.00
N SER C 81 18.63 7.69 -13.18
CA SER C 81 18.22 7.07 -14.44
C SER C 81 18.69 5.62 -14.67
N ALA C 82 19.98 5.36 -14.43
CA ALA C 82 20.50 4.01 -14.62
C ALA C 82 19.80 3.03 -13.68
N LEU C 83 19.58 3.47 -12.45
CA LEU C 83 18.91 2.63 -11.46
C LEU C 83 17.42 2.46 -11.73
N SER C 84 16.78 3.49 -12.29
CA SER C 84 15.36 3.39 -12.61
C SER C 84 15.19 2.29 -13.64
N ASP C 85 16.10 2.27 -14.61
CA ASP C 85 16.02 1.26 -15.65
C ASP C 85 16.28 -0.12 -15.10
N LEU C 86 17.30 -0.23 -14.26
CA LEU C 86 17.68 -1.49 -13.66
C LEU C 86 16.56 -2.14 -12.86
N HIS C 87 15.93 -1.37 -11.98
CA HIS C 87 14.86 -1.93 -11.16
C HIS C 87 13.63 -2.21 -12.00
N ALA C 88 13.35 -1.37 -12.99
CA ALA C 88 12.18 -1.56 -13.83
C ALA C 88 12.21 -2.73 -14.78
N HIS C 89 13.37 -2.96 -15.41
CA HIS C 89 13.46 -4.01 -16.42
C HIS C 89 14.24 -5.28 -16.07
N LYS C 90 15.06 -5.22 -15.05
CA LYS C 90 15.83 -6.40 -14.64
C LYS C 90 15.38 -6.90 -13.28
N LEU C 91 15.66 -6.13 -12.25
CA LEU C 91 15.31 -6.52 -10.88
C LEU C 91 13.81 -6.72 -10.71
N ARG C 92 13.03 -5.78 -11.25
CA ARG C 92 11.57 -5.85 -11.18
C ARG C 92 11.00 -6.08 -9.78
N VAL C 93 11.53 -5.30 -8.82
CA VAL C 93 11.10 -5.35 -7.43
C VAL C 93 9.71 -4.71 -7.33
N ASP C 94 8.75 -5.38 -6.73
CA ASP C 94 7.43 -4.77 -6.64
C ASP C 94 7.51 -3.41 -5.95
N PRO C 95 6.85 -2.41 -6.54
CA PRO C 95 6.83 -1.05 -5.99
C PRO C 95 6.57 -0.92 -4.48
N VAL C 96 5.75 -1.80 -3.91
CA VAL C 96 5.45 -1.72 -2.48
C VAL C 96 6.67 -1.81 -1.57
N ASN C 97 7.72 -2.47 -2.03
CA ASN C 97 8.92 -2.65 -1.22
C ASN C 97 9.76 -1.41 -1.01
N PHE C 98 9.63 -0.42 -1.90
CA PHE C 98 10.40 0.79 -1.75
C PHE C 98 9.98 1.55 -0.50
N LYS C 99 8.70 1.43 -0.14
CA LYS C 99 8.20 2.08 1.06
C LYS C 99 8.78 1.40 2.29
N LEU C 100 9.00 0.10 2.20
CA LEU C 100 9.55 -0.66 3.31
C LEU C 100 11.00 -0.28 3.57
N LEU C 101 11.80 -0.20 2.52
CA LEU C 101 13.20 0.18 2.68
C LEU C 101 13.29 1.64 3.14
N SER C 102 12.45 2.49 2.56
CA SER C 102 12.46 3.91 2.92
C SER C 102 12.20 4.06 4.42
N HIS C 103 11.23 3.30 4.92
CA HIS C 103 10.89 3.35 6.34
C HIS C 103 12.09 2.91 7.17
N CYS C 104 12.75 1.85 6.73
CA CYS C 104 13.91 1.37 7.48
C CYS C 104 15.09 2.33 7.43
N LEU C 105 15.20 3.10 6.35
CA LEU C 105 16.27 4.08 6.24
C LEU C 105 15.96 5.20 7.26
N LEU C 106 14.68 5.58 7.36
CA LEU C 106 14.29 6.62 8.32
C LEU C 106 14.58 6.17 9.74
N VAL C 107 14.24 4.92 10.05
CA VAL C 107 14.47 4.37 11.38
C VAL C 107 15.97 4.38 11.69
N THR C 108 16.77 4.00 10.70
CA THR C 108 18.21 3.98 10.87
C THR C 108 18.72 5.38 11.13
N LEU C 109 18.25 6.35 10.35
CA LEU C 109 18.67 7.72 10.55
C LEU C 109 18.24 8.23 11.93
N ALA C 110 17.01 7.91 12.33
CA ALA C 110 16.52 8.34 13.64
C ALA C 110 17.39 7.78 14.75
N ALA C 111 17.84 6.55 14.58
CA ALA C 111 18.66 5.87 15.58
C ALA C 111 20.09 6.40 15.67
N HIS C 112 20.49 7.20 14.68
CA HIS C 112 21.84 7.75 14.62
C HIS C 112 21.95 9.27 14.66
N LEU C 113 20.82 9.96 14.53
CA LEU C 113 20.84 11.42 14.53
C LEU C 113 19.94 11.99 15.63
N PRO C 114 20.39 11.91 16.89
CA PRO C 114 19.62 12.42 18.03
C PRO C 114 19.14 13.87 17.87
N ALA C 115 20.07 14.77 17.57
CA ALA C 115 19.72 16.19 17.44
C ALA C 115 19.07 16.56 16.11
N GLU C 116 19.58 15.99 15.03
CA GLU C 116 19.09 16.31 13.69
C GLU C 116 17.72 15.80 13.29
N PHE C 117 17.33 14.64 13.80
CA PHE C 117 16.04 14.05 13.43
C PHE C 117 14.82 14.72 14.07
N THR C 118 14.60 15.99 13.73
CA THR C 118 13.49 16.76 14.25
C THR C 118 12.24 16.39 13.46
N PRO C 119 11.05 16.81 13.92
CA PRO C 119 9.82 16.49 13.19
C PRO C 119 9.86 17.01 11.74
N ALA C 120 10.39 18.22 11.57
CA ALA C 120 10.49 18.81 10.24
C ALA C 120 11.45 18.05 9.34
N VAL C 121 12.60 17.67 9.87
CA VAL C 121 13.60 16.94 9.08
C VAL C 121 13.10 15.54 8.79
N HIS C 122 12.37 14.97 9.75
CA HIS C 122 11.78 13.65 9.61
C HIS C 122 10.83 13.71 8.40
N ALA C 123 10.01 14.76 8.33
CA ALA C 123 9.08 14.90 7.21
C ALA C 123 9.81 15.07 5.88
N SER C 124 10.86 15.89 5.86
CA SER C 124 11.60 16.12 4.63
C SER C 124 12.27 14.84 4.12
N LEU C 125 12.87 14.10 5.04
CA LEU C 125 13.53 12.84 4.68
C LEU C 125 12.52 11.83 4.15
N ASP C 126 11.34 11.79 4.75
CA ASP C 126 10.32 10.86 4.29
C ASP C 126 9.94 11.23 2.85
N LYS C 127 9.70 12.51 2.62
CA LYS C 127 9.34 12.96 1.29
C LYS C 127 10.48 12.70 0.30
N PHE C 128 11.72 12.88 0.73
CA PHE C 128 12.88 12.64 -0.13
C PHE C 128 12.91 11.17 -0.58
N LEU C 129 12.81 10.27 0.39
CA LEU C 129 12.84 8.84 0.08
C LEU C 129 11.65 8.43 -0.77
N ALA C 130 10.51 9.09 -0.58
CA ALA C 130 9.34 8.78 -1.39
C ALA C 130 9.64 9.22 -2.82
N SER C 131 10.28 10.39 -2.94
CA SER C 131 10.63 10.92 -4.27
C SER C 131 11.61 9.97 -4.96
N VAL C 132 12.60 9.50 -4.22
CA VAL C 132 13.59 8.58 -4.78
C VAL C 132 12.85 7.32 -5.25
N SER C 133 11.93 6.83 -4.43
CA SER C 133 11.17 5.64 -4.76
C SER C 133 10.33 5.83 -6.03
N THR C 134 9.70 6.99 -6.13
CA THR C 134 8.87 7.27 -7.30
C THR C 134 9.75 7.27 -8.55
N VAL C 135 10.93 7.85 -8.45
CA VAL C 135 11.84 7.88 -9.60
C VAL C 135 12.26 6.45 -9.97
N LEU C 136 12.62 5.66 -8.97
CA LEU C 136 13.06 4.29 -9.22
C LEU C 136 11.99 3.37 -9.80
N THR C 137 10.73 3.76 -9.66
CA THR C 137 9.66 2.93 -10.21
C THR C 137 8.98 3.61 -11.40
N SER C 138 9.47 4.77 -11.81
CA SER C 138 8.89 5.52 -12.90
C SER C 138 8.87 4.85 -14.28
N LYS C 139 9.70 3.83 -14.46
CA LYS C 139 9.77 3.15 -15.75
C LYS C 139 9.20 1.74 -15.73
N TYR C 140 8.54 1.37 -14.64
CA TYR C 140 7.99 0.02 -14.53
C TYR C 140 6.99 -0.38 -15.61
N ARG C 141 6.14 0.54 -16.04
CA ARG C 141 5.17 0.22 -17.08
C ARG C 141 4.69 1.45 -17.83
N VAL D 1 -1.05 -11.46 12.26
CA VAL D 1 0.19 -11.13 13.03
C VAL D 1 0.27 -11.94 14.33
N HIS D 2 1.45 -12.45 14.61
CA HIS D 2 1.68 -13.22 15.82
C HIS D 2 3.15 -13.13 16.23
N LEU D 3 3.39 -12.64 17.44
CA LEU D 3 4.75 -12.49 17.93
C LEU D 3 5.28 -13.78 18.53
N THR D 4 6.56 -14.04 18.28
CA THR D 4 7.22 -15.22 18.81
C THR D 4 7.56 -14.91 20.26
N PRO D 5 7.87 -15.94 21.05
CA PRO D 5 8.21 -15.68 22.46
C PRO D 5 9.33 -14.66 22.59
N GLU D 6 10.28 -14.69 21.66
CA GLU D 6 11.38 -13.74 21.69
C GLU D 6 10.93 -12.33 21.33
N GLU D 7 10.01 -12.23 20.38
CA GLU D 7 9.50 -10.92 19.97
C GLU D 7 8.67 -10.28 21.08
N LYS D 8 7.89 -11.10 21.78
CA LYS D 8 7.07 -10.58 22.88
C LYS D 8 8.01 -10.12 23.98
N SER D 9 9.07 -10.90 24.21
CA SER D 9 10.04 -10.56 25.25
C SER D 9 10.71 -9.23 24.94
N ALA D 10 11.12 -9.05 23.68
CA ALA D 10 11.78 -7.81 23.28
C ALA D 10 10.88 -6.61 23.47
N VAL D 11 9.60 -6.78 23.15
CA VAL D 11 8.62 -5.71 23.28
C VAL D 11 8.44 -5.31 24.75
N THR D 12 8.15 -6.30 25.58
CA THR D 12 7.94 -6.06 27.00
C THR D 12 9.17 -5.43 27.65
N ALA D 13 10.34 -5.99 27.37
CA ALA D 13 11.58 -5.47 27.94
C ALA D 13 11.82 -3.99 27.62
N LEU D 14 11.66 -3.62 26.36
CA LEU D 14 11.90 -2.23 25.98
C LEU D 14 10.85 -1.26 26.53
N TRP D 15 9.60 -1.69 26.59
CA TRP D 15 8.53 -0.83 27.05
C TRP D 15 8.65 -0.37 28.50
N GLY D 16 9.33 -1.15 29.32
CA GLY D 16 9.49 -0.77 30.71
C GLY D 16 10.31 0.50 30.87
N LYS D 17 11.15 0.78 29.87
CA LYS D 17 12.01 1.96 29.91
C LYS D 17 11.33 3.21 29.35
N VAL D 18 10.24 2.99 28.63
CA VAL D 18 9.49 4.07 27.98
C VAL D 18 8.62 4.98 28.85
N ASN D 19 8.72 6.28 28.59
CA ASN D 19 7.90 7.28 29.26
C ASN D 19 6.72 7.41 28.30
N VAL D 20 5.69 6.60 28.53
CA VAL D 20 4.51 6.57 27.68
C VAL D 20 3.93 7.94 27.33
N ASP D 21 3.71 8.79 28.33
CA ASP D 21 3.15 10.11 28.07
C ASP D 21 4.03 10.91 27.12
N GLU D 22 5.34 10.86 27.35
CA GLU D 22 6.30 11.58 26.52
C GLU D 22 6.34 11.06 25.07
N VAL D 23 6.46 9.75 24.92
CA VAL D 23 6.51 9.15 23.60
C VAL D 23 5.19 9.34 22.86
N GLY D 24 4.08 9.28 23.60
CA GLY D 24 2.78 9.45 22.98
C GLY D 24 2.61 10.82 22.35
N GLY D 25 3.03 11.86 23.07
CA GLY D 25 2.91 13.20 22.54
C GLY D 25 3.80 13.37 21.32
N GLU D 26 4.99 12.77 21.38
CA GLU D 26 5.95 12.84 20.30
C GLU D 26 5.47 12.10 19.05
N ALA D 27 4.92 10.90 19.24
CA ALA D 27 4.44 10.11 18.11
C ALA D 27 3.23 10.74 17.41
N LEU D 28 2.23 11.18 18.17
CA LEU D 28 1.06 11.81 17.56
C LEU D 28 1.46 13.11 16.90
N GLY D 29 2.29 13.90 17.58
CA GLY D 29 2.74 15.15 17.00
C GLY D 29 3.39 14.92 15.66
N ARG D 30 4.35 13.99 15.61
CA ARG D 30 5.04 13.69 14.36
C ARG D 30 4.10 13.17 13.28
N LEU D 31 3.09 12.40 13.68
CA LEU D 31 2.13 11.90 12.70
C LEU D 31 1.49 13.08 11.98
N LEU D 32 1.08 14.07 12.75
CA LEU D 32 0.43 15.25 12.19
C LEU D 32 1.35 16.15 11.38
N VAL D 33 2.65 16.11 11.70
CA VAL D 33 3.62 16.93 10.95
C VAL D 33 4.08 16.22 9.66
N VAL D 34 4.40 14.94 9.78
CA VAL D 34 4.89 14.16 8.64
C VAL D 34 3.82 13.82 7.62
N TYR D 35 2.62 13.49 8.12
CA TYR D 35 1.49 13.13 7.26
C TYR D 35 0.39 14.11 7.66
N PRO D 36 0.52 15.37 7.23
CA PRO D 36 -0.44 16.43 7.54
C PRO D 36 -1.93 16.19 7.31
N TRP D 37 -2.28 15.32 6.38
CA TRP D 37 -3.70 15.05 6.15
C TRP D 37 -4.37 14.40 7.34
N THR D 38 -3.55 13.81 8.23
CA THR D 38 -4.07 13.16 9.43
C THR D 38 -4.65 14.18 10.42
N GLN D 39 -4.42 15.46 10.13
CA GLN D 39 -4.93 16.54 10.97
C GLN D 39 -6.44 16.68 10.80
N ARG D 40 -6.97 16.06 9.74
CA ARG D 40 -8.40 16.14 9.46
C ARG D 40 -9.28 15.71 10.63
N PHE D 41 -8.75 14.90 11.54
CA PHE D 41 -9.54 14.43 12.68
C PHE D 41 -9.34 15.27 13.92
N PHE D 42 -8.40 16.20 13.87
CA PHE D 42 -8.07 16.99 15.04
C PHE D 42 -8.25 18.50 14.96
N GLU D 43 -9.17 18.97 14.12
CA GLU D 43 -9.41 20.41 14.00
C GLU D 43 -9.84 20.98 15.35
N SER D 44 -10.47 20.15 16.20
CA SER D 44 -10.91 20.61 17.51
C SER D 44 -9.72 20.88 18.44
N PHE D 45 -8.54 20.42 18.06
CA PHE D 45 -7.34 20.63 18.87
C PHE D 45 -6.77 22.02 18.67
N GLY D 46 -7.29 22.73 17.68
CA GLY D 46 -6.82 24.08 17.42
C GLY D 46 -5.70 24.21 16.41
N ASP D 47 -4.69 24.99 16.78
CA ASP D 47 -3.54 25.28 15.93
C ASP D 47 -2.60 24.12 15.63
N LEU D 48 -2.60 23.68 14.36
CA LEU D 48 -1.74 22.58 13.91
C LEU D 48 -1.07 23.02 12.60
N SER D 49 -0.88 24.33 12.45
CA SER D 49 -0.33 24.89 11.22
C SER D 49 1.17 24.76 10.95
N THR D 50 1.95 24.48 11.99
CA THR D 50 3.40 24.35 11.83
C THR D 50 3.95 23.28 12.76
N PRO D 51 5.17 22.79 12.48
CA PRO D 51 5.75 21.76 13.33
C PRO D 51 5.75 22.18 14.80
N ASP D 52 6.23 23.39 15.09
CA ASP D 52 6.25 23.86 16.47
C ASP D 52 4.86 24.02 17.06
N ALA D 53 3.88 24.40 16.24
CA ALA D 53 2.51 24.56 16.73
C ALA D 53 1.97 23.19 17.11
N VAL D 54 2.19 22.20 16.25
CA VAL D 54 1.72 20.85 16.51
C VAL D 54 2.41 20.23 17.73
N MET D 55 3.73 20.24 17.73
CA MET D 55 4.48 19.64 18.83
C MET D 55 4.23 20.30 20.19
N GLY D 56 3.86 21.59 20.18
CA GLY D 56 3.61 22.28 21.42
C GLY D 56 2.15 22.42 21.80
N ASN D 57 1.27 21.91 20.96
CA ASN D 57 -0.17 21.98 21.19
C ASN D 57 -0.53 21.09 22.38
N PRO D 58 -1.08 21.66 23.46
CA PRO D 58 -1.43 20.87 24.65
C PRO D 58 -2.47 19.77 24.40
N LYS D 59 -3.38 19.99 23.47
CA LYS D 59 -4.38 18.97 23.19
C LYS D 59 -3.76 17.80 22.42
N VAL D 60 -2.75 18.10 21.60
CA VAL D 60 -2.06 17.07 20.85
C VAL D 60 -1.30 16.19 21.84
N LYS D 61 -0.62 16.83 22.79
CA LYS D 61 0.14 16.12 23.80
C LYS D 61 -0.78 15.25 24.64
N ALA D 62 -1.90 15.82 25.05
CA ALA D 62 -2.87 15.09 25.86
C ALA D 62 -3.43 13.90 25.11
N HIS D 63 -3.70 14.06 23.82
CA HIS D 63 -4.27 12.94 23.09
C HIS D 63 -3.21 11.87 22.85
N GLY D 64 -1.99 12.30 22.59
CA GLY D 64 -0.91 11.34 22.36
C GLY D 64 -0.78 10.46 23.59
N LYS D 65 -0.89 11.09 24.76
CA LYS D 65 -0.79 10.37 26.02
C LYS D 65 -1.91 9.34 26.14
N LYS D 66 -3.13 9.72 25.74
CA LYS D 66 -4.27 8.80 25.79
C LYS D 66 -4.10 7.64 24.83
N VAL D 67 -3.72 7.96 23.60
CA VAL D 67 -3.54 6.95 22.56
C VAL D 67 -2.48 5.91 22.89
N LEU D 68 -1.30 6.38 23.32
CA LEU D 68 -0.23 5.44 23.66
C LEU D 68 -0.52 4.73 24.97
N GLY D 69 -1.43 5.30 25.76
CA GLY D 69 -1.80 4.69 27.03
C GLY D 69 -2.62 3.46 26.73
N ALA D 70 -3.50 3.57 25.75
CA ALA D 70 -4.34 2.45 25.35
C ALA D 70 -3.44 1.41 24.68
N PHE D 71 -2.48 1.90 23.90
CA PHE D 71 -1.52 1.06 23.21
C PHE D 71 -0.76 0.28 24.27
N SER D 72 -0.29 0.99 25.29
CA SER D 72 0.48 0.40 26.38
C SER D 72 -0.29 -0.74 27.06
N ASP D 73 -1.56 -0.52 27.34
CA ASP D 73 -2.37 -1.56 27.98
C ASP D 73 -2.52 -2.77 27.08
N GLY D 74 -2.57 -2.53 25.77
CA GLY D 74 -2.72 -3.63 24.84
C GLY D 74 -1.49 -4.53 24.81
N LEU D 75 -0.35 -3.99 25.19
CA LEU D 75 0.88 -4.78 25.19
C LEU D 75 0.86 -5.87 26.24
N ALA D 76 -0.18 -5.86 27.08
CA ALA D 76 -0.31 -6.87 28.12
C ALA D 76 -0.95 -8.14 27.53
N HIS D 77 -1.50 -8.02 26.33
CA HIS D 77 -2.15 -9.15 25.66
C HIS D 77 -1.68 -9.27 24.21
N LEU D 78 -0.38 -9.48 24.04
CA LEU D 78 0.22 -9.60 22.72
C LEU D 78 -0.30 -10.74 21.84
N ASP D 79 -0.93 -11.73 22.45
CA ASP D 79 -1.48 -12.85 21.68
C ASP D 79 -2.97 -12.71 21.41
N ASN D 80 -3.56 -11.62 21.89
CA ASN D 80 -5.00 -11.38 21.72
C ASN D 80 -5.26 -9.93 21.34
N LEU D 81 -4.49 -9.40 20.40
CA LEU D 81 -4.66 -8.01 20.02
C LEU D 81 -6.03 -7.67 19.44
N LYS D 82 -6.61 -8.55 18.63
CA LYS D 82 -7.91 -8.24 18.06
C LYS D 82 -8.94 -8.11 19.18
N GLY D 83 -8.96 -9.09 20.07
CA GLY D 83 -9.91 -9.04 21.16
C GLY D 83 -9.75 -7.86 22.10
N THR D 84 -8.50 -7.51 22.41
CA THR D 84 -8.23 -6.41 23.33
C THR D 84 -8.59 -5.04 22.75
N PHE D 85 -8.58 -4.92 21.42
CA PHE D 85 -8.90 -3.66 20.77
C PHE D 85 -10.24 -3.68 20.03
N ALA D 86 -11.00 -4.76 20.21
CA ALA D 86 -12.29 -4.91 19.53
C ALA D 86 -13.26 -3.75 19.76
N THR D 87 -13.47 -3.36 21.00
CA THR D 87 -14.41 -2.28 21.28
C THR D 87 -13.89 -0.94 20.72
N LEU D 88 -12.60 -0.68 20.87
CA LEU D 88 -12.02 0.56 20.34
C LEU D 88 -12.11 0.57 18.82
N SER D 89 -12.05 -0.61 18.22
CA SER D 89 -12.14 -0.71 16.77
C SER D 89 -13.52 -0.27 16.31
N GLU D 90 -14.56 -0.84 16.93
CA GLU D 90 -15.93 -0.48 16.59
C GLU D 90 -16.16 1.01 16.75
N LEU D 91 -15.63 1.56 17.83
CA LEU D 91 -15.79 2.98 18.14
C LEU D 91 -15.06 3.88 17.15
N HIS D 92 -13.85 3.51 16.76
CA HIS D 92 -13.12 4.34 15.80
C HIS D 92 -13.84 4.31 14.44
N CYS D 93 -14.62 3.26 14.21
CA CYS D 93 -15.36 3.14 12.96
C CYS D 93 -16.71 3.85 13.02
N ASP D 94 -17.53 3.47 14.00
CA ASP D 94 -18.86 4.04 14.14
C ASP D 94 -18.99 5.47 14.64
N LYS D 95 -18.14 5.84 15.60
CA LYS D 95 -18.23 7.18 16.16
C LYS D 95 -17.21 8.18 15.64
N LEU D 96 -15.95 7.75 15.53
CA LEU D 96 -14.88 8.63 15.08
C LEU D 96 -14.64 8.70 13.59
N HIS D 97 -15.12 7.69 12.85
CA HIS D 97 -14.96 7.64 11.39
C HIS D 97 -13.51 7.84 10.98
N VAL D 98 -12.61 7.07 11.60
CA VAL D 98 -11.19 7.15 11.31
C VAL D 98 -10.72 6.01 10.38
N ASP D 99 -10.17 6.39 9.23
CA ASP D 99 -9.64 5.43 8.25
C ASP D 99 -8.51 4.67 8.95
N PRO D 100 -8.60 3.31 9.01
CA PRO D 100 -7.55 2.52 9.66
C PRO D 100 -6.14 2.72 9.12
N GLU D 101 -6.02 3.25 7.91
CA GLU D 101 -4.69 3.49 7.36
C GLU D 101 -3.93 4.39 8.33
N ASN D 102 -4.65 5.24 9.05
CA ASN D 102 -4.03 6.13 10.03
C ASN D 102 -3.32 5.36 11.14
N PHE D 103 -3.86 4.21 11.52
CA PHE D 103 -3.25 3.39 12.56
C PHE D 103 -1.91 2.84 12.10
N ARG D 104 -1.80 2.59 10.79
CA ARG D 104 -0.56 2.08 10.24
C ARG D 104 0.48 3.20 10.16
N LEU D 105 0.04 4.39 9.79
CA LEU D 105 0.96 5.52 9.72
C LEU D 105 1.48 5.84 11.12
N LEU D 106 0.60 5.81 12.12
CA LEU D 106 1.02 6.10 13.48
C LEU D 106 2.00 5.03 13.95
N GLY D 107 1.74 3.78 13.55
CA GLY D 107 2.63 2.70 13.94
C GLY D 107 4.03 2.96 13.45
N ASN D 108 4.16 3.32 12.18
CA ASN D 108 5.48 3.59 11.62
C ASN D 108 6.14 4.79 12.29
N VAL D 109 5.37 5.83 12.57
CA VAL D 109 5.92 7.01 13.24
C VAL D 109 6.39 6.61 14.63
N LEU D 110 5.61 5.79 15.33
CA LEU D 110 5.98 5.35 16.67
C LEU D 110 7.34 4.63 16.63
N VAL D 111 7.52 3.77 15.65
CA VAL D 111 8.78 3.04 15.53
C VAL D 111 9.92 4.03 15.33
N CYS D 112 9.69 5.07 14.53
CA CYS D 112 10.73 6.08 14.31
C CYS D 112 11.02 6.82 15.61
N VAL D 113 9.97 7.09 16.38
CA VAL D 113 10.13 7.79 17.66
C VAL D 113 10.89 6.93 18.65
N LEU D 114 10.62 5.63 18.66
CA LEU D 114 11.34 4.74 19.57
C LEU D 114 12.80 4.65 19.16
N ALA D 115 13.06 4.62 17.85
CA ALA D 115 14.44 4.56 17.36
C ALA D 115 15.17 5.84 17.77
N HIS D 116 14.49 6.97 17.60
CA HIS D 116 15.06 8.26 17.93
C HIS D 116 15.41 8.35 19.42
N HIS D 117 14.50 7.87 20.26
CA HIS D 117 14.73 7.91 21.72
C HIS D 117 15.80 6.95 22.22
N PHE D 118 15.75 5.72 21.75
CA PHE D 118 16.69 4.69 22.20
C PHE D 118 18.03 4.62 21.49
N GLY D 119 18.11 5.11 20.25
CA GLY D 119 19.37 5.05 19.55
C GLY D 119 19.81 3.61 19.29
N LYS D 120 21.07 3.32 19.60
CA LYS D 120 21.61 1.99 19.36
C LYS D 120 20.84 0.86 20.03
N GLU D 121 20.22 1.13 21.18
CA GLU D 121 19.46 0.09 21.88
C GLU D 121 18.26 -0.41 21.07
N PHE D 122 17.82 0.40 20.11
CA PHE D 122 16.69 0.00 19.27
C PHE D 122 17.26 -0.79 18.11
N THR D 123 17.81 -1.96 18.45
CA THR D 123 18.44 -2.85 17.50
C THR D 123 17.51 -3.36 16.40
N PRO D 124 18.08 -3.92 15.32
CA PRO D 124 17.22 -4.43 14.24
C PRO D 124 16.21 -5.46 14.76
N PRO D 125 16.64 -6.36 15.68
CA PRO D 125 15.68 -7.36 16.19
C PRO D 125 14.57 -6.74 17.02
N VAL D 126 14.90 -5.71 17.79
CA VAL D 126 13.91 -5.03 18.62
C VAL D 126 12.92 -4.31 17.70
N GLN D 127 13.44 -3.69 16.63
CA GLN D 127 12.57 -2.98 15.69
C GLN D 127 11.60 -3.97 15.06
N ALA D 128 12.12 -5.12 14.64
CA ALA D 128 11.30 -6.15 14.01
C ALA D 128 10.12 -6.51 14.91
N ALA D 129 10.41 -6.67 16.19
CA ALA D 129 9.38 -7.01 17.17
C ALA D 129 8.31 -5.92 17.22
N TYR D 130 8.73 -4.68 17.32
CA TYR D 130 7.80 -3.56 17.37
C TYR D 130 7.08 -3.35 16.05
N GLN D 131 7.74 -3.65 14.95
CA GLN D 131 7.12 -3.50 13.65
C GLN D 131 5.95 -4.48 13.60
N LYS D 132 6.14 -5.65 14.20
CA LYS D 132 5.08 -6.66 14.25
C LYS D 132 3.94 -6.17 15.14
N VAL D 133 4.30 -5.63 16.30
CA VAL D 133 3.30 -5.13 17.25
C VAL D 133 2.42 -4.04 16.65
N VAL D 134 3.03 -3.01 16.07
CA VAL D 134 2.22 -1.93 15.52
C VAL D 134 1.34 -2.41 14.37
N ALA D 135 1.81 -3.39 13.61
CA ALA D 135 1.03 -3.95 12.51
C ALA D 135 -0.15 -4.71 13.11
N GLY D 136 0.12 -5.46 14.17
CA GLY D 136 -0.93 -6.21 14.82
C GLY D 136 -1.97 -5.28 15.43
N VAL D 137 -1.52 -4.20 16.05
CA VAL D 137 -2.42 -3.25 16.67
C VAL D 137 -3.27 -2.56 15.61
N ALA D 138 -2.65 -2.16 14.50
CA ALA D 138 -3.39 -1.49 13.43
C ALA D 138 -4.42 -2.46 12.87
N ASN D 139 -4.04 -3.72 12.71
CA ASN D 139 -4.97 -4.72 12.18
C ASN D 139 -6.13 -4.97 13.15
N ALA D 140 -5.81 -5.00 14.44
CA ALA D 140 -6.83 -5.21 15.46
C ALA D 140 -7.82 -4.05 15.48
N LEU D 141 -7.31 -2.83 15.39
CA LEU D 141 -8.17 -1.66 15.40
C LEU D 141 -9.03 -1.54 14.15
N ALA D 142 -8.62 -2.19 13.07
CA ALA D 142 -9.37 -2.14 11.82
C ALA D 142 -10.32 -3.32 11.67
N HIS D 143 -10.14 -4.34 12.50
CA HIS D 143 -10.92 -5.56 12.40
C HIS D 143 -12.45 -5.47 12.48
N LYS D 144 -12.96 -4.55 13.29
CA LYS D 144 -14.41 -4.45 13.44
C LYS D 144 -15.08 -3.42 12.53
N TYR D 145 -14.35 -2.88 11.56
CA TYR D 145 -14.93 -1.91 10.65
C TYR D 145 -15.94 -2.61 9.74
N HIS D 146 -17.02 -1.89 9.42
CA HIS D 146 -18.08 -2.43 8.59
C HIS D 146 -18.75 -1.29 7.84
CHA HEM E . -15.17 15.25 -3.64
CHB HEM E . -13.16 13.51 -7.66
CHC HEM E . -11.02 9.97 -5.14
CHD HEM E . -13.47 11.41 -1.20
C1A HEM E . -14.74 15.13 -4.95
C2A HEM E . -15.31 15.88 -6.05
C3A HEM E . -14.77 15.38 -7.19
C4A HEM E . -13.88 14.28 -6.77
CMA HEM E . -15.06 15.87 -8.61
CAA HEM E . -16.32 17.01 -6.00
CBA HEM E . -15.69 18.35 -5.62
CGA HEM E . -16.69 19.49 -5.70
O1A HEM E . -17.71 19.45 -4.98
O2A HEM E . -16.44 20.44 -6.48
C1B HEM E . -12.36 12.44 -7.30
C2B HEM E . -11.62 11.62 -8.27
C3B HEM E . -11.00 10.65 -7.56
C4B HEM E . -11.35 10.86 -6.17
CMB HEM E . -11.50 11.85 -9.77
CAB HEM E . -10.08 9.68 -8.05
CBB HEM E . -10.34 8.79 -9.15
C1C HEM E . -11.51 10.07 -3.85
C2C HEM E . -11.38 9.00 -2.86
C3C HEM E . -12.10 9.37 -1.77
C4C HEM E . -12.66 10.68 -2.08
CMC HEM E . -10.54 7.74 -3.05
CAC HEM E . -12.26 8.68 -0.55
CBC HEM E . -12.54 7.27 -0.39
C1D HEM E . -14.10 12.61 -1.52
C2D HEM E . -15.00 13.29 -0.62
C3D HEM E . -15.51 14.34 -1.32
C4D HEM E . -14.88 14.34 -2.62
CMD HEM E . -15.25 12.94 0.84
CAD HEM E . -16.55 15.33 -0.85
CBD HEM E . -17.94 14.72 -0.95
CGD HEM E . -19.02 15.74 -0.66
O1D HEM E . -19.62 16.27 -1.61
O2D HEM E . -19.24 16.02 0.53
NA HEM E . -13.86 14.14 -5.39
NB HEM E . -12.17 11.99 -6.00
NC HEM E . -12.29 11.11 -3.37
ND HEM E . -14.01 13.26 -2.75
FE HEM E . -12.78 12.84 -4.26
C3 3U7 F . 3.38 3.59 -5.76
C4 3U7 F . 3.91 3.25 -7.14
C5 3U7 F . 2.86 2.54 -8.03
C6 3U7 F . 3.42 1.42 -8.91
C8 3U7 F . 2.91 2.17 -11.34
C9 3U7 F . 1.71 2.61 -12.12
C10 3U7 F . 1.80 3.50 -13.25
C11 3U7 F . 3.10 4.01 -13.68
C12 3U7 F . 4.33 3.59 -12.92
O1 3U7 F . 2.20 3.93 -5.55
O2 3U7 F . 4.28 3.52 -4.75
O7 3U7 F . 2.71 1.23 -10.20
C13 3U7 F . 4.25 2.68 -11.76
CL1 3U7 F . 5.71 2.17 -10.86
CL2 3U7 F . 5.90 4.18 -13.40
C16 3U7 F . 3.14 4.99 -14.94
O17 3U7 F . 4.17 5.05 -15.60
C18 3U7 F . 2.00 5.86 -15.39
C19 3U7 F . 2.09 7.17 -15.78
C20 3U7 F . 2.18 8.31 -14.79
N21 3U7 F . 2.25 9.57 -15.09
C22 3U7 F . 2.33 10.41 -13.90
C23 3U7 F . 2.28 9.45 -12.96
N24 3U7 F . 2.19 8.15 -13.44
CHA HEM G . 3.57 -22.78 -8.52
CHB HEM G . -0.71 -21.74 -6.45
CHC HEM G . 0.02 -17.06 -7.29
CHD HEM G . 4.40 -18.03 -9.13
C1A HEM G . 2.33 -22.89 -7.91
C2A HEM G . 1.62 -24.14 -7.70
C3A HEM G . 0.41 -23.86 -7.17
C4A HEM G . 0.36 -22.41 -7.04
CMA HEM G . -0.66 -24.88 -6.77
CAA HEM G . 2.14 -25.53 -7.98
CBA HEM G . 2.82 -26.14 -6.78
CGA HEM G . 3.31 -27.55 -7.05
O1A HEM G . 2.65 -28.50 -6.59
O2A HEM G . 4.33 -27.69 -7.74
C1B HEM G . -0.78 -20.37 -6.31
C2B HEM G . -1.95 -19.68 -5.82
C3B HEM G . -1.77 -18.36 -6.08
C4B HEM G . -0.48 -18.25 -6.76
CMB HEM G . -3.13 -20.33 -5.11
CAB HEM G . -2.57 -17.27 -5.71
CBB HEM G . -4.00 -17.22 -5.64
C1C HEM G . 1.26 -16.94 -7.89
C2C HEM G . 1.75 -15.67 -8.47
C3C HEM G . 3.01 -15.93 -8.93
C4C HEM G . 3.26 -17.36 -8.70
CMC HEM G . 0.99 -14.32 -8.51
CAC HEM G . 3.95 -15.03 -9.46
CBC HEM G . 3.69 -13.96 -10.38
C1D HEM G . 4.59 -19.41 -9.03
C2D HEM G . 5.71 -20.11 -9.65
C3D HEM G . 5.46 -21.44 -9.52
C4D HEM G . 4.19 -21.56 -8.81
CMD HEM G . 6.94 -19.50 -10.34
CAD HEM G . 6.31 -22.57 -10.08
CBD HEM G . 5.75 -22.95 -11.45
CGD HEM G . 6.55 -24.01 -12.16
O1D HEM G . 6.09 -24.45 -13.25
O2D HEM G . 7.62 -24.41 -11.66
NA HEM G . 1.55 -21.82 -7.47
NB HEM G . 0.16 -19.48 -6.81
NC HEM G . 2.19 -17.97 -8.02
ND HEM G . 3.67 -20.31 -8.47
FE HEM G . 2.02 -19.89 -7.39
S SO4 H . -7.42 -17.66 8.59
O1 SO4 H . -7.82 -17.58 10.01
O2 SO4 H . -8.63 -17.75 7.75
O3 SO4 H . -6.67 -16.44 8.22
O4 SO4 H . -6.59 -18.85 8.37
CHA HEM I . 20.56 -3.37 -6.69
CHB HEM I . 19.75 1.12 -5.00
CHC HEM I . 15.45 -0.28 -3.28
CHD HEM I . 16.48 -4.86 -4.55
C1A HEM I . 20.64 -1.99 -6.48
C2A HEM I . 21.86 -1.21 -6.70
C3A HEM I . 21.64 0.03 -6.18
C4A HEM I . 20.30 0.02 -5.65
CMA HEM I . 22.60 1.22 -6.21
CAA HEM I . 23.17 -1.61 -7.38
CBA HEM I . 22.95 -1.67 -8.89
CGA HEM I . 24.23 -1.91 -9.66
O1A HEM I . 25.08 -2.69 -9.18
O2A HEM I . 24.38 -1.33 -10.76
C1B HEM I . 18.48 1.13 -4.47
C2B HEM I . 17.89 2.29 -3.83
C3B HEM I . 16.69 1.92 -3.34
C4B HEM I . 16.51 0.52 -3.72
CMB HEM I . 18.48 3.71 -3.82
CAB HEM I . 15.76 2.69 -2.62
CBB HEM I . 16.08 3.67 -1.61
C1C HEM I . 15.34 -1.65 -3.51
C2C HEM I . 14.31 -2.49 -2.88
C3C HEM I . 14.62 -3.79 -3.20
C4C HEM I . 15.82 -3.73 -4.04
CMC HEM I . 13.10 -1.98 -2.11
CAC HEM I . 13.99 -4.97 -2.79
CBC HEM I . 13.42 -5.21 -1.50
C1D HEM I . 17.65 -4.82 -5.27
C2D HEM I . 18.30 -6.01 -5.78
C3D HEM I . 19.49 -5.62 -6.31
C4D HEM I . 19.52 -4.16 -6.21
CMD HEM I . 17.72 -7.43 -5.76
CAD HEM I . 20.59 -6.52 -6.84
CBD HEM I . 21.63 -6.78 -5.76
CGD HEM I . 22.83 -7.57 -6.28
O1D HEM I . 23.97 -7.11 -6.07
O2D HEM I . 22.61 -8.65 -6.88
NA HEM I . 19.65 -1.23 -5.85
NB HEM I . 17.60 0.04 -4.45
NC HEM I . 16.25 -2.42 -4.23
ND HEM I . 18.37 -3.67 -5.58
FE HEM I . 17.77 -1.77 -5.36
C3 3U7 J . 0.22 5.76 0.61
C4 3U7 J . 0.93 6.81 -0.25
C5 3U7 J . 1.88 7.67 0.59
C6 3U7 J . 1.94 9.17 0.16
C8 3U7 J . 3.64 11.02 -0.26
C9 3U7 J . 5.07 11.26 -0.41
C10 3U7 J . 5.60 12.48 -0.92
C11 3U7 J . 4.72 13.56 -1.32
C12 3U7 J . 3.24 13.38 -1.19
O1 3U7 J . -0.90 5.31 0.32
O2 3U7 J . 0.89 5.33 1.72
O7 3U7 J . 3.29 9.72 0.29
C13 3U7 J . 2.68 12.12 -0.67
CL1 3U7 J . 0.92 11.94 -0.53
CL2 3U7 J . 2.17 14.68 -1.68
C16 3U7 J . 5.38 14.85 -1.85
O17 3U7 J . 4.95 15.96 -1.54
C18 3U7 J . 6.57 14.83 -2.78
C19 3U7 J . 6.47 15.03 -4.11
C20 3U7 J . 7.15 14.19 -5.14
N21 3U7 J . 8.18 14.57 -5.76
C22 3U7 J . 8.63 13.57 -6.70
C23 3U7 J . 7.69 12.63 -6.48
N24 3U7 J . 6.75 12.96 -5.53
CHA HEM K . -9.88 8.73 20.53
CHB HEM K . -6.86 4.96 21.14
CHC HEM K . -4.93 5.84 16.82
CHD HEM K . -8.09 9.43 16.08
C1A HEM K . -9.20 7.62 21.07
C2A HEM K . -9.37 7.14 22.43
C3A HEM K . -8.51 6.12 22.61
C4A HEM K . -7.83 5.93 21.34
CMA HEM K . -8.29 5.31 23.89
CAA HEM K . -10.30 7.75 23.48
CBA HEM K . -9.81 9.11 23.93
CGA HEM K . -10.85 9.87 24.74
O1A HEM K . -12.00 9.98 24.25
O2A HEM K . -10.53 10.34 25.84
C1B HEM K . -6.17 4.78 19.95
C2B HEM K . -5.12 3.80 19.74
C3B HEM K . -4.56 4.04 18.52
C4B HEM K . -5.29 5.18 17.99
CMB HEM K . -4.70 2.70 20.71
CAB HEM K . -3.50 3.37 17.91
CBB HEM K . -2.35 2.85 18.61
C1C HEM K . -5.60 6.93 16.29
C2C HEM K . -5.18 7.60 15.06
C3C HEM K . -6.13 8.54 14.80
C4C HEM K . -7.07 8.50 15.91
CMC HEM K . -3.93 7.30 14.24
CAC HEM K . -6.27 9.32 13.64
CBC HEM K . -5.22 9.93 12.86
C1D HEM K . -8.88 9.51 17.21
C2D HEM K . -9.85 10.56 17.44
C3D HEM K . -10.31 10.44 18.73
C4D HEM K . -9.66 9.24 19.25
CMD HEM K . -10.33 11.61 16.44
CAD HEM K . -11.18 11.46 19.47
CBD HEM K . -10.31 12.50 20.18
CGD HEM K . -11.11 13.50 20.99
O1D HEM K . -10.49 14.26 21.78
O2D HEM K . -12.35 13.56 20.84
NA HEM K . -8.27 6.85 20.39
NB HEM K . -6.33 5.60 18.83
NC HEM K . -6.76 7.49 16.81
ND HEM K . -8.77 8.66 18.32
FE HEM K . -7.78 6.93 18.47
S SO4 L . -7.44 -12.43 19.08
O1 SO4 L . -7.89 -11.60 20.22
O2 SO4 L . -8.60 -12.94 18.33
O3 SO4 L . -6.61 -11.60 18.18
O4 SO4 L . -6.63 -13.56 19.58
S SO4 M . 3.81 -18.72 21.02
O1 SO4 M . 4.53 -17.78 21.90
O2 SO4 M . 2.38 -18.34 20.98
O3 SO4 M . 4.38 -18.67 19.66
O4 SO4 M . 3.93 -20.08 21.56
#